data_5B1J
#
_entry.id   5B1J
#
_cell.length_a   153.226
_cell.length_b   153.226
_cell.length_c   153.226
_cell.angle_alpha   90.00
_cell.angle_beta   90.00
_cell.angle_gamma   90.00
#
_symmetry.space_group_name_H-M   'P 21 3'
#
loop_
_entity.id
_entity.type
_entity.pdbx_description
1 polymer 'Copper-containing nitrite reductase'
2 polymer 'Blue copper protein'
3 non-polymer 'COPPER (II) ION'
#
loop_
_entity_poly.entity_id
_entity_poly.type
_entity_poly.pdbx_seq_one_letter_code
_entity_poly.pdbx_strand_id
1 'polypeptide(L)'
;QDADKLPHTKVTLVAPPQVHPHEQATKSGPKVVEFTMTIEEKKMVIDDKGTTLQAMTFNGSMPGPTLVVHEGDYVQLTLV
NPATNAMPHNVDFHGATGALGGAKLTNVNPGEQATLRFKADRSGTFVYHCAPEGMVPWHVVSGMSGTLMVLPRDGLKDPQ
GKPLHYDRAYTIGEFDLYIPKGPDGKYKDYATLAESYGDTVQVMRTLTPSHIVFNGKVGALTGANALTAKVGETVLLIHS
QANRDTRPHLIGGHGDWVWETGKFANPPQRDLETWFIRGGSAGAALYTFKQPGVYAYLNHNLIEAFELGAAGHIKVEGKW
NDDLMKQIKAPAPIPR
;
A,B
2 'polypeptide(L)'
;AEHIVEMRNKDDAGNTMVFQPGFVKVEAGDTVKFVPTDKSHNAESVREVWPEGVAPVKGGFSKEVVFNAEKEGLYVLKCA
PHYGMGMVVLVQVGKPVNLDQIKEYKATGLAKKRLDGEIAKVVQ
;
C
#
loop_
_chem_comp.id
_chem_comp.type
_chem_comp.name
_chem_comp.formula
CU non-polymer 'COPPER (II) ION' 'Cu 2'
#
# COMPACT_ATOMS: atom_id res chain seq x y z
N ASP A 2 26.88 -8.68 2.37
CA ASP A 2 26.88 -7.87 1.11
C ASP A 2 25.47 -7.57 0.56
N ALA A 3 25.28 -6.30 0.21
CA ALA A 3 23.96 -5.73 -0.04
C ALA A 3 23.65 -5.62 -1.51
N ASP A 4 24.68 -5.51 -2.36
CA ASP A 4 24.50 -5.45 -3.82
C ASP A 4 23.73 -6.69 -4.33
N LYS A 5 24.00 -7.84 -3.69
CA LYS A 5 23.33 -9.14 -3.97
C LYS A 5 21.86 -9.21 -3.59
N LEU A 6 21.52 -8.69 -2.41
CA LEU A 6 20.16 -8.88 -1.82
C LEU A 6 19.02 -8.39 -2.73
N PRO A 7 17.81 -8.89 -2.49
CA PRO A 7 16.67 -8.43 -3.27
C PRO A 7 16.42 -6.92 -3.09
N HIS A 8 15.90 -6.27 -4.12
CA HIS A 8 15.50 -4.86 -4.07
C HIS A 8 14.00 -4.76 -4.21
N THR A 9 13.41 -3.78 -3.56
CA THR A 9 11.98 -3.56 -3.59
C THR A 9 11.72 -2.06 -3.57
N LYS A 10 10.86 -1.57 -4.46
CA LYS A 10 10.50 -0.16 -4.51
C LYS A 10 9.26 0.08 -3.64
N VAL A 11 9.19 1.23 -2.96
CA VAL A 11 8.08 1.57 -2.06
C VAL A 11 7.49 2.90 -2.46
N THR A 12 6.17 2.92 -2.64
CA THR A 12 5.49 4.18 -2.98
C THR A 12 5.13 4.93 -1.69
N LEU A 13 5.55 6.18 -1.60
CA LEU A 13 5.36 6.97 -0.39
C LEU A 13 3.99 7.60 -0.43
N VAL A 14 3.54 8.12 0.72
CA VAL A 14 2.26 8.79 0.85
C VAL A 14 2.34 9.94 1.79
N ALA A 15 1.36 10.81 1.67
CA ALA A 15 1.40 12.07 2.33
C ALA A 15 1.01 11.92 3.81
N PRO A 16 1.77 12.59 4.72
CA PRO A 16 1.31 12.60 6.08
C PRO A 16 -0.14 13.08 6.13
N PRO A 17 -0.92 12.59 7.09
CA PRO A 17 -0.45 11.71 8.19
C PRO A 17 -0.58 10.24 7.91
N GLN A 18 -0.83 9.84 6.67
CA GLN A 18 -0.81 8.43 6.36
C GLN A 18 0.63 7.95 6.41
N VAL A 19 0.77 6.64 6.41
CA VAL A 19 2.07 5.99 6.42
C VAL A 19 1.96 4.79 5.48
N HIS A 20 2.80 4.79 4.44
CA HIS A 20 2.62 3.81 3.39
C HIS A 20 2.48 2.43 3.99
N PRO A 21 1.73 1.57 3.28
CA PRO A 21 1.55 0.19 3.74
C PRO A 21 2.86 -0.46 4.11
N HIS A 22 2.83 -1.31 5.12
CA HIS A 22 4.04 -1.96 5.52
C HIS A 22 3.67 -3.05 6.49
N GLU A 23 4.45 -4.12 6.54
CA GLU A 23 4.26 -5.17 7.53
C GLU A 23 4.85 -4.69 8.83
N GLN A 24 4.34 -5.23 9.93
CA GLN A 24 4.95 -5.02 11.22
C GLN A 24 5.95 -6.16 11.40
N ALA A 25 5.56 -7.27 12.03
CA ALA A 25 6.41 -8.48 11.95
C ALA A 25 6.44 -8.97 10.51
N THR A 26 7.63 -9.31 10.02
CA THR A 26 7.74 -9.88 8.67
C THR A 26 8.52 -11.19 8.69
N LYS A 27 8.16 -12.10 7.79
CA LYS A 27 8.82 -13.41 7.75
C LYS A 27 9.88 -13.39 6.65
N SER A 28 10.56 -12.26 6.51
CA SER A 28 11.23 -11.88 5.26
C SER A 28 12.65 -11.43 5.53
N GLY A 29 13.58 -11.77 4.65
CA GLY A 29 14.99 -11.47 4.91
C GLY A 29 15.32 -10.02 4.73
N PRO A 30 16.58 -9.63 4.99
CA PRO A 30 16.95 -8.27 4.62
C PRO A 30 16.74 -7.97 3.14
N LYS A 31 16.32 -6.76 2.82
CA LYS A 31 16.38 -6.28 1.45
C LYS A 31 16.75 -4.81 1.36
N VAL A 32 16.97 -4.37 0.13
CA VAL A 32 17.25 -2.99 -0.18
C VAL A 32 15.93 -2.34 -0.60
N VAL A 33 15.51 -1.30 0.12
CA VAL A 33 14.21 -0.73 -0.07
C VAL A 33 14.43 0.64 -0.72
N GLU A 34 13.85 0.83 -1.90
CA GLU A 34 14.18 2.00 -2.72
C GLU A 34 13.09 3.05 -2.63
N PHE A 35 13.52 4.27 -2.39
CA PHE A 35 12.62 5.34 -2.11
C PHE A 35 13.04 6.51 -2.97
N THR A 36 12.08 7.30 -3.42
CA THR A 36 12.43 8.61 -3.98
C THR A 36 11.70 9.74 -3.28
N MET A 37 12.46 10.78 -2.96
CA MET A 37 11.87 12.08 -2.59
C MET A 37 12.39 13.22 -3.44
N THR A 38 11.53 14.21 -3.59
CA THR A 38 11.72 15.28 -4.54
C THR A 38 11.48 16.59 -3.76
N ILE A 39 12.56 17.33 -3.55
CA ILE A 39 12.50 18.54 -2.77
C ILE A 39 11.61 19.58 -3.48
N GLU A 40 10.78 20.30 -2.73
CA GLU A 40 9.92 21.37 -3.29
C GLU A 40 9.92 22.61 -2.40
N GLU A 41 10.54 23.67 -2.91
CA GLU A 41 10.44 25.00 -2.31
C GLU A 41 9.11 25.64 -2.77
N LYS A 42 8.45 26.34 -1.84
CA LYS A 42 7.14 26.95 -2.08
C LYS A 42 6.59 27.81 -0.95
N LYS A 43 5.68 28.70 -1.30
CA LYS A 43 5.13 29.62 -0.36
C LYS A 43 3.85 29.03 0.18
N MET A 44 3.76 28.92 1.50
CA MET A 44 2.71 28.15 2.11
C MET A 44 1.95 28.95 3.14
N VAL A 45 0.63 28.80 3.15
CA VAL A 45 -0.19 29.52 4.07
C VAL A 45 -0.29 28.69 5.33
N ILE A 46 0.27 29.21 6.43
CA ILE A 46 0.45 28.39 7.63
C ILE A 46 -0.55 28.67 8.74
N ASP A 47 -1.45 29.65 8.55
CA ASP A 47 -2.55 29.85 9.51
C ASP A 47 -3.83 30.39 8.88
N ASP A 48 -4.82 30.65 9.72
CA ASP A 48 -6.15 31.00 9.27
C ASP A 48 -6.31 32.53 9.11
N LYS A 49 -5.21 33.28 9.27
CA LYS A 49 -5.17 34.70 8.94
C LYS A 49 -4.17 34.99 7.80
N GLY A 50 -4.06 34.05 6.89
CA GLY A 50 -3.28 34.28 5.69
C GLY A 50 -1.79 34.57 5.87
N THR A 51 -1.20 34.09 6.96
CA THR A 51 0.24 34.27 7.11
C THR A 51 1.02 33.25 6.30
N THR A 52 2.09 33.69 5.66
CA THR A 52 2.84 32.75 4.83
C THR A 52 4.23 32.41 5.34
N LEU A 53 4.70 31.24 4.95
CA LEU A 53 6.06 30.82 5.17
C LEU A 53 6.67 30.55 3.80
N GLN A 54 7.89 31.06 3.58
CA GLN A 54 8.72 30.61 2.48
C GLN A 54 9.30 29.30 2.91
N ALA A 55 8.59 28.24 2.55
CA ALA A 55 8.87 26.90 2.99
C ALA A 55 9.82 26.14 2.08
N MET A 56 10.39 25.08 2.62
CA MET A 56 11.18 24.12 1.86
C MET A 56 10.74 22.75 2.31
N THR A 57 10.34 21.87 1.37
CA THR A 57 9.84 20.56 1.77
C THR A 57 10.49 19.40 1.04
N PHE A 58 10.42 18.23 1.69
CA PHE A 58 10.63 16.93 1.06
C PHE A 58 9.28 16.46 0.55
N ASN A 59 9.18 16.22 -0.75
CA ASN A 59 7.91 15.82 -1.43
C ASN A 59 6.72 16.78 -1.27
N GLY A 60 6.95 18.02 -0.87
CA GLY A 60 5.90 19.03 -0.88
C GLY A 60 5.03 18.97 0.34
N SER A 61 5.52 18.35 1.41
CA SER A 61 4.77 18.33 2.67
C SER A 61 5.67 18.56 3.85
N MET A 62 5.11 19.27 4.82
CA MET A 62 5.63 19.31 6.18
C MET A 62 4.69 18.42 6.99
N PRO A 63 5.22 17.39 7.66
CA PRO A 63 6.57 16.91 7.46
C PRO A 63 6.65 16.21 6.15
N GLY A 64 7.89 15.88 5.75
CA GLY A 64 8.09 14.98 4.63
C GLY A 64 7.54 13.65 5.04
N PRO A 65 7.23 12.77 4.09
CA PRO A 65 6.59 11.49 4.36
C PRO A 65 7.47 10.50 5.14
N THR A 66 6.80 9.59 5.84
CA THR A 66 7.45 8.58 6.67
C THR A 66 7.96 7.37 5.86
N LEU A 67 9.24 7.07 6.04
CA LEU A 67 9.88 5.95 5.40
C LEU A 67 9.88 4.82 6.40
N VAL A 68 9.41 3.66 5.97
CA VAL A 68 9.32 2.49 6.83
C VAL A 68 10.14 1.35 6.27
N VAL A 69 10.98 0.75 7.11
CA VAL A 69 11.70 -0.46 6.75
C VAL A 69 11.83 -1.32 7.98
N HIS A 70 12.54 -2.44 7.87
CA HIS A 70 12.84 -3.25 9.04
C HIS A 70 14.30 -3.32 9.33
N GLU A 71 14.59 -3.52 10.61
CA GLU A 71 15.95 -3.67 11.11
C GLU A 71 16.68 -4.67 10.30
N GLY A 72 17.86 -4.29 9.81
CA GLY A 72 18.67 -5.15 8.99
C GLY A 72 18.58 -4.87 7.53
N ASP A 73 17.50 -4.22 7.09
CA ASP A 73 17.33 -3.77 5.70
C ASP A 73 18.31 -2.66 5.38
N TYR A 74 18.35 -2.28 4.11
CA TYR A 74 19.11 -1.12 3.66
C TYR A 74 18.17 -0.09 3.05
N VAL A 75 18.50 1.20 3.22
CA VAL A 75 17.66 2.29 2.73
C VAL A 75 18.33 2.86 1.50
N GLN A 76 17.56 3.10 0.45
CA GLN A 76 18.12 3.57 -0.78
C GLN A 76 17.29 4.72 -1.31
N LEU A 77 17.75 5.91 -1.01
CA LEU A 77 16.98 7.08 -1.24
C LEU A 77 17.63 7.77 -2.38
N THR A 78 16.85 7.99 -3.42
CA THR A 78 17.24 8.85 -4.49
C THR A 78 16.60 10.19 -4.14
N LEU A 79 17.41 11.24 -4.08
CA LEU A 79 16.93 12.56 -3.66
C LEU A 79 17.10 13.49 -4.81
N VAL A 80 16.02 14.16 -5.18
CA VAL A 80 15.98 14.95 -6.38
C VAL A 80 15.72 16.41 -6.07
N ASN A 81 16.63 17.28 -6.51
CA ASN A 81 16.48 18.72 -6.33
C ASN A 81 16.15 19.45 -7.65
N PRO A 82 14.87 19.41 -8.12
CA PRO A 82 14.48 20.05 -9.38
C PRO A 82 15.03 21.43 -9.58
N ALA A 83 15.37 21.71 -10.84
CA ALA A 83 15.95 23.00 -11.27
C ALA A 83 15.07 24.23 -10.94
N THR A 84 13.77 24.04 -10.79
CA THR A 84 12.88 25.10 -10.33
C THR A 84 13.23 25.60 -8.95
N ASN A 85 13.87 24.77 -8.14
CA ASN A 85 14.30 25.22 -6.83
C ASN A 85 15.47 26.17 -6.95
N ALA A 86 15.69 26.94 -5.88
CA ALA A 86 16.73 27.95 -5.83
C ALA A 86 17.89 27.59 -4.95
N MET A 87 17.83 26.49 -4.21
CA MET A 87 18.82 26.26 -3.15
C MET A 87 19.31 24.84 -3.20
N PRO A 88 20.52 24.61 -2.69
CA PRO A 88 21.03 23.26 -2.62
C PRO A 88 20.54 22.62 -1.36
N HIS A 89 20.45 21.29 -1.44
CA HIS A 89 19.90 20.50 -0.38
C HIS A 89 20.75 19.27 -0.20
N ASN A 90 20.48 18.54 0.87
CA ASN A 90 21.02 17.19 1.04
C ASN A 90 20.09 16.42 1.98
N VAL A 91 20.58 15.39 2.65
CA VAL A 91 19.80 14.79 3.70
C VAL A 91 20.66 14.05 4.71
N ASP A 92 20.33 14.29 5.98
CA ASP A 92 21.01 13.73 7.12
C ASP A 92 19.96 12.82 7.74
N PHE A 93 20.27 11.52 7.77
CA PHE A 93 19.42 10.49 8.35
C PHE A 93 19.94 10.11 9.72
N HIS A 94 19.19 10.41 10.78
CA HIS A 94 19.59 10.03 12.12
C HIS A 94 19.66 8.50 12.25
N GLY A 95 19.01 7.77 11.35
CA GLY A 95 19.06 6.31 11.37
C GLY A 95 20.35 5.73 10.80
N ALA A 96 21.10 6.55 10.09
CA ALA A 96 22.28 6.10 9.37
C ALA A 96 23.56 6.24 10.17
N THR A 97 24.57 5.45 9.82
CA THR A 97 25.90 5.56 10.38
C THR A 97 26.92 6.09 9.33
N GLY A 98 27.52 7.26 9.59
CA GLY A 98 28.66 7.79 8.80
C GLY A 98 28.33 9.07 8.03
N ALA A 99 29.38 9.83 7.62
CA ALA A 99 29.21 11.00 6.70
C ALA A 99 28.06 11.95 7.07
N LEU A 100 28.05 12.40 8.32
CA LEU A 100 27.05 13.38 8.77
C LEU A 100 25.62 12.97 8.41
N GLY A 101 25.34 11.67 8.57
CA GLY A 101 24.02 11.11 8.41
C GLY A 101 23.64 10.87 6.98
N GLY A 102 24.60 11.03 6.07
CA GLY A 102 24.36 11.03 4.63
C GLY A 102 24.53 12.38 3.95
N ALA A 103 24.60 13.45 4.72
CA ALA A 103 24.50 14.77 4.10
C ALA A 103 25.62 14.97 3.09
N LYS A 104 26.82 14.47 3.43
CA LYS A 104 28.03 14.75 2.67
C LYS A 104 28.01 14.10 1.30
N LEU A 105 27.32 12.97 1.21
CA LEU A 105 27.18 12.26 -0.05
C LEU A 105 25.90 12.58 -0.82
N THR A 106 25.13 13.57 -0.38
CA THR A 106 23.81 13.84 -0.98
C THR A 106 23.64 15.31 -1.28
N ASN A 107 24.74 16.06 -1.35
CA ASN A 107 24.63 17.46 -1.72
C ASN A 107 24.18 17.59 -3.16
N VAL A 108 23.00 18.13 -3.38
CA VAL A 108 22.52 18.34 -4.73
C VAL A 108 22.09 19.78 -4.91
N ASN A 109 22.59 20.42 -5.94
CA ASN A 109 22.10 21.73 -6.36
C ASN A 109 20.89 21.59 -7.26
N PRO A 110 20.15 22.69 -7.46
CA PRO A 110 19.00 22.57 -8.36
C PRO A 110 19.41 21.97 -9.69
N GLY A 111 18.57 21.12 -10.24
CA GLY A 111 18.94 20.36 -11.41
C GLY A 111 19.78 19.13 -11.15
N GLU A 112 20.14 18.88 -9.88
CA GLU A 112 20.86 17.65 -9.55
C GLU A 112 20.02 16.68 -8.73
N GLN A 113 20.57 15.48 -8.59
CA GLN A 113 19.96 14.39 -7.82
C GLN A 113 21.05 13.39 -7.46
N ALA A 114 20.79 12.58 -6.43
CA ALA A 114 21.82 11.67 -5.91
C ALA A 114 21.16 10.54 -5.14
N THR A 115 21.85 9.40 -5.08
CA THR A 115 21.30 8.18 -4.52
C THR A 115 22.24 7.68 -3.46
N LEU A 116 21.70 7.42 -2.28
CA LEU A 116 22.48 7.09 -1.09
C LEU A 116 21.96 5.81 -0.52
N ARG A 117 22.85 4.90 -0.17
CA ARG A 117 22.43 3.69 0.51
C ARG A 117 22.99 3.68 1.91
N PHE A 118 22.15 3.31 2.88
CA PHE A 118 22.65 2.85 4.19
C PHE A 118 21.91 1.67 4.83
N LYS A 119 22.64 1.01 5.71
CA LYS A 119 22.08 -0.08 6.47
C LYS A 119 21.33 0.50 7.63
N ALA A 120 20.11 0.04 7.83
CA ALA A 120 19.33 0.46 8.96
C ALA A 120 19.52 -0.54 10.07
N ASP A 121 20.71 -0.55 10.65
CA ASP A 121 21.08 -1.50 11.73
C ASP A 121 20.35 -1.30 13.05
N ARG A 122 19.62 -0.20 13.22
CA ARG A 122 19.02 0.11 14.52
C ARG A 122 17.56 0.42 14.42
N SER A 123 16.79 -0.04 15.42
CA SER A 123 15.36 0.09 15.37
C SER A 123 14.81 1.26 16.20
N GLY A 124 13.77 1.85 15.66
CA GLY A 124 13.15 3.03 16.24
C GLY A 124 12.62 3.97 15.17
N THR A 125 12.11 5.11 15.64
CA THR A 125 11.74 6.19 14.76
C THR A 125 12.83 7.23 14.80
N PHE A 126 13.37 7.55 13.64
CA PHE A 126 14.45 8.49 13.56
C PHE A 126 14.01 9.59 12.62
N VAL A 127 14.48 10.79 12.92
CA VAL A 127 14.29 11.96 12.10
C VAL A 127 15.26 11.85 10.92
N TYR A 128 14.82 12.38 9.80
CA TYR A 128 15.76 12.79 8.77
C TYR A 128 15.51 14.25 8.50
N HIS A 129 16.54 14.98 8.12
CA HIS A 129 16.32 16.36 7.75
C HIS A 129 17.43 16.83 6.87
N CYS A 130 17.18 17.98 6.24
CA CYS A 130 18.12 18.54 5.30
C CYS A 130 19.15 19.22 6.14
N ALA A 131 20.39 19.22 5.68
CA ALA A 131 21.47 19.82 6.45
C ALA A 131 22.60 20.35 5.55
N PRO A 132 22.31 21.42 4.79
CA PRO A 132 23.30 22.07 3.94
C PRO A 132 24.22 22.95 4.77
N GLU A 133 25.53 22.79 4.57
CA GLU A 133 26.53 23.46 5.39
C GLU A 133 26.24 24.95 5.60
N GLY A 134 26.24 25.34 6.88
CA GLY A 134 26.09 26.72 7.26
C GLY A 134 24.70 27.25 7.05
N MET A 135 23.81 26.39 6.56
CA MET A 135 22.43 26.80 6.34
C MET A 135 21.50 25.85 7.08
N VAL A 136 22.04 25.07 8.00
CA VAL A 136 21.31 23.95 8.53
C VAL A 136 20.02 24.32 9.25
N PRO A 137 20.08 25.20 10.25
CA PRO A 137 18.85 25.42 10.98
C PRO A 137 17.77 26.14 10.17
N TRP A 138 18.17 26.95 9.21
CA TRP A 138 17.16 27.54 8.32
C TRP A 138 16.36 26.48 7.56
N HIS A 139 17.05 25.55 6.95
CA HIS A 139 16.36 24.58 6.10
C HIS A 139 15.40 23.75 6.96
N VAL A 140 15.89 23.28 8.11
CA VAL A 140 15.09 22.46 9.02
C VAL A 140 13.84 23.17 9.53
N VAL A 141 13.93 24.44 9.90
CA VAL A 141 12.75 25.05 10.50
C VAL A 141 11.77 25.49 9.46
N SER A 142 12.21 25.54 8.21
CA SER A 142 11.37 25.94 7.09
C SER A 142 10.59 24.75 6.53
N GLY A 143 10.87 23.53 7.06
CA GLY A 143 10.07 22.30 6.73
C GLY A 143 10.79 21.03 6.24
N MET A 144 12.13 21.03 6.31
CA MET A 144 12.87 19.93 5.72
C MET A 144 13.21 18.84 6.71
N SER A 145 12.21 18.01 7.03
CA SER A 145 12.35 16.89 7.99
C SER A 145 11.16 15.96 7.94
N GLY A 146 11.43 14.67 8.12
CA GLY A 146 10.38 13.69 8.35
C GLY A 146 10.91 12.61 9.28
N THR A 147 10.31 11.44 9.19
CA THR A 147 10.69 10.32 10.05
C THR A 147 11.05 9.10 9.22
N LEU A 148 12.14 8.45 9.59
CA LEU A 148 12.38 7.08 9.21
C LEU A 148 11.96 6.18 10.36
N MET A 149 11.07 5.23 10.10
CA MET A 149 10.75 4.24 11.12
C MET A 149 11.33 2.90 10.69
N VAL A 150 12.18 2.35 11.55
CA VAL A 150 12.83 1.06 11.35
C VAL A 150 12.26 0.16 12.40
N LEU A 151 11.33 -0.68 12.00
CA LEU A 151 10.68 -1.64 12.92
C LEU A 151 11.58 -2.84 13.16
N PRO A 152 11.45 -3.46 14.33
CA PRO A 152 12.21 -4.66 14.58
C PRO A 152 11.64 -5.78 13.73
N ARG A 153 12.44 -6.81 13.46
CA ARG A 153 12.05 -7.74 12.41
C ARG A 153 10.80 -8.52 12.71
N ASP A 154 10.41 -8.62 13.98
CA ASP A 154 9.07 -9.16 14.26
C ASP A 154 8.22 -8.27 15.18
N GLY A 155 7.93 -7.07 14.70
CA GLY A 155 7.04 -6.14 15.38
C GLY A 155 7.61 -5.53 16.65
N LEU A 156 6.78 -4.70 17.29
CA LEU A 156 7.09 -4.01 18.54
C LEU A 156 6.72 -4.94 19.65
N LYS A 157 7.31 -4.73 20.82
CA LYS A 157 7.17 -5.61 21.98
C LYS A 157 7.03 -4.80 23.26
N ASP A 158 6.30 -5.34 24.24
CA ASP A 158 6.24 -4.75 25.58
C ASP A 158 7.56 -5.05 26.35
N PRO A 159 7.70 -4.53 27.56
CA PRO A 159 8.88 -4.81 28.39
C PRO A 159 9.11 -6.27 28.75
N GLN A 160 8.02 -7.00 28.99
CA GLN A 160 8.05 -8.42 29.31
C GLN A 160 8.48 -9.29 28.11
N GLY A 161 8.48 -8.74 26.89
CA GLY A 161 8.75 -9.47 25.66
C GLY A 161 7.53 -9.73 24.76
N LYS A 162 6.36 -9.29 25.21
CA LYS A 162 5.09 -9.70 24.60
C LYS A 162 4.78 -8.85 23.38
N PRO A 163 4.28 -9.44 22.29
CA PRO A 163 4.13 -8.63 21.09
C PRO A 163 2.96 -7.62 21.17
N LEU A 164 3.20 -6.45 20.56
CA LEU A 164 2.27 -5.31 20.53
C LEU A 164 1.98 -4.98 19.07
N HIS A 165 0.73 -4.64 18.80
CA HIS A 165 0.25 -4.59 17.44
C HIS A 165 -0.62 -3.36 17.13
N TYR A 166 -0.29 -2.58 16.11
CA TYR A 166 -1.21 -1.51 15.71
C TYR A 166 -2.06 -1.87 14.49
N ASP A 167 -3.29 -1.35 14.49
CA ASP A 167 -4.16 -1.47 13.33
C ASP A 167 -3.92 -0.33 12.37
N ARG A 168 -3.51 0.83 12.89
CA ARG A 168 -2.99 1.88 12.03
C ARG A 168 -2.04 2.86 12.66
N ALA A 169 -1.42 3.64 11.77
CA ALA A 169 -0.34 4.51 12.13
C ALA A 169 -0.55 5.84 11.48
N TYR A 170 -0.45 6.88 12.28
CA TYR A 170 -0.42 8.22 11.77
C TYR A 170 0.91 8.86 12.08
N THR A 171 1.40 9.71 11.19
CA THR A 171 2.65 10.43 11.44
C THR A 171 2.38 11.92 11.56
N ILE A 172 2.91 12.51 12.64
CA ILE A 172 2.72 13.94 12.97
C ILE A 172 4.07 14.62 13.16
N GLY A 173 4.35 15.62 12.32
CA GLY A 173 5.54 16.45 12.47
C GLY A 173 5.22 17.83 13.05
N GLU A 174 5.91 18.20 14.12
CA GLU A 174 5.62 19.47 14.78
C GLU A 174 6.65 20.54 14.42
N PHE A 175 6.16 21.69 13.98
CA PHE A 175 7.05 22.67 13.35
C PHE A 175 7.00 23.99 14.10
N ASP A 176 8.11 24.26 14.80
CA ASP A 176 8.35 25.59 15.33
C ASP A 176 8.82 26.44 14.15
N LEU A 177 8.04 27.50 13.92
CA LEU A 177 8.19 28.41 12.80
C LEU A 177 8.56 29.75 13.34
N TYR A 178 9.44 30.46 12.64
CA TYR A 178 9.91 31.75 13.12
C TYR A 178 9.71 32.76 12.02
N ILE A 179 8.47 33.27 11.91
CA ILE A 179 8.06 34.14 10.80
C ILE A 179 8.12 35.60 11.24
N PRO A 180 8.95 36.42 10.53
CA PRO A 180 9.26 37.83 10.79
C PRO A 180 8.06 38.76 10.88
N LYS A 181 8.24 39.88 11.58
CA LYS A 181 7.22 40.91 11.66
C LYS A 181 7.72 42.24 11.11
N GLY A 182 6.85 42.96 10.40
CA GLY A 182 7.14 44.33 10.01
C GLY A 182 7.10 45.23 11.22
N PRO A 183 7.38 46.54 11.01
CA PRO A 183 7.33 47.52 12.10
C PRO A 183 5.89 47.92 12.49
N ASP A 184 4.91 47.55 11.66
CA ASP A 184 3.47 47.74 11.95
C ASP A 184 2.79 46.64 12.80
N GLY A 185 3.54 45.61 13.22
CA GLY A 185 2.99 44.52 14.03
C GLY A 185 2.52 43.29 13.27
N LYS A 186 2.37 43.43 11.96
CA LYS A 186 1.80 42.40 11.11
C LYS A 186 2.95 41.63 10.43
N TYR A 187 2.76 40.35 10.19
CA TYR A 187 3.84 39.47 9.70
C TYR A 187 4.26 39.88 8.31
N LYS A 188 5.51 39.60 7.96
CA LYS A 188 6.01 39.88 6.60
C LYS A 188 5.50 38.90 5.54
N ASP A 189 5.62 39.33 4.28
CA ASP A 189 5.31 38.49 3.11
C ASP A 189 6.50 38.63 2.17
N TYR A 190 7.10 37.53 1.77
CA TYR A 190 8.30 37.62 0.96
C TYR A 190 8.02 37.21 -0.49
N ALA A 191 8.77 37.84 -1.40
CA ALA A 191 8.65 37.64 -2.82
C ALA A 191 9.42 36.37 -3.24
N THR A 192 10.46 36.06 -2.49
CA THR A 192 11.24 34.87 -2.76
C THR A 192 11.62 34.22 -1.43
N LEU A 193 12.08 33.00 -1.52
CA LEU A 193 12.61 32.31 -0.35
C LEU A 193 13.85 33.05 0.14
N ALA A 194 14.75 33.35 -0.78
CA ALA A 194 16.01 33.98 -0.41
C ALA A 194 15.77 35.31 0.30
N GLU A 195 14.80 36.09 -0.15
CA GLU A 195 14.54 37.38 0.49
C GLU A 195 14.20 37.21 1.96
N SER A 196 13.50 36.13 2.31
CA SER A 196 13.08 35.89 3.71
C SER A 196 14.22 35.55 4.67
N TYR A 197 15.32 35.05 4.14
CA TYR A 197 16.44 34.58 4.95
C TYR A 197 16.82 35.41 6.16
N GLY A 198 17.33 36.61 5.95
CA GLY A 198 17.95 37.36 7.05
C GLY A 198 16.99 37.78 8.15
N ASP A 199 15.86 38.37 7.77
CA ASP A 199 14.82 38.69 8.73
C ASP A 199 14.48 37.50 9.59
N THR A 200 14.47 36.33 8.94
CA THR A 200 14.05 35.09 9.56
C THR A 200 15.07 34.62 10.57
N VAL A 201 16.36 34.64 10.23
CA VAL A 201 17.33 34.14 11.20
C VAL A 201 17.36 35.11 12.39
N GLN A 202 16.93 36.36 12.16
CA GLN A 202 16.90 37.33 13.23
C GLN A 202 15.87 36.89 14.27
N VAL A 203 14.70 36.45 13.82
CA VAL A 203 13.68 35.90 14.69
C VAL A 203 14.16 34.57 15.34
N MET A 204 14.68 33.66 14.54
CA MET A 204 15.16 32.40 15.07
C MET A 204 15.96 32.58 16.36
N ARG A 205 16.77 33.63 16.44
CA ARG A 205 17.70 33.77 17.56
C ARG A 205 17.03 34.20 18.85
N THR A 206 15.82 34.75 18.77
CA THR A 206 15.03 35.04 19.98
C THR A 206 14.56 33.78 20.65
N LEU A 207 14.59 32.66 19.92
CA LEU A 207 14.11 31.34 20.36
C LEU A 207 12.62 31.38 20.66
N THR A 208 11.90 32.22 19.93
CA THR A 208 10.47 32.35 20.17
C THR A 208 9.67 32.11 18.88
N PRO A 209 9.11 30.93 18.73
CA PRO A 209 8.31 30.69 17.53
C PRO A 209 7.11 31.62 17.43
N SER A 210 6.83 32.11 16.23
CA SER A 210 5.60 32.82 15.96
C SER A 210 4.46 31.82 15.93
N HIS A 211 4.76 30.60 15.47
CA HIS A 211 3.75 29.55 15.36
C HIS A 211 4.39 28.22 15.71
N ILE A 212 3.56 27.27 16.14
CA ILE A 212 4.00 25.86 16.32
C ILE A 212 2.86 24.98 15.83
N VAL A 213 3.10 24.27 14.73
CA VAL A 213 2.00 23.63 14.02
C VAL A 213 2.26 22.17 13.73
N PHE A 214 1.19 21.38 13.75
CA PHE A 214 1.28 20.01 13.28
C PHE A 214 1.05 20.02 11.78
N ASN A 215 1.96 19.38 11.07
CA ASN A 215 1.73 19.02 9.70
C ASN A 215 1.48 20.20 8.79
N GLY A 216 2.09 21.33 9.15
CA GLY A 216 2.32 22.37 8.17
C GLY A 216 1.43 23.57 8.27
N LYS A 217 0.35 23.49 9.04
CA LYS A 217 -0.48 24.67 9.29
C LYS A 217 -1.35 24.53 10.53
N VAL A 218 -1.65 25.66 11.15
CA VAL A 218 -2.64 25.63 12.20
C VAL A 218 -3.92 24.96 11.66
N GLY A 219 -4.44 24.04 12.46
CA GLY A 219 -5.66 23.32 12.12
C GLY A 219 -5.49 22.26 11.07
N ALA A 220 -4.28 22.13 10.52
CA ALA A 220 -3.94 21.02 9.60
C ALA A 220 -4.64 19.68 9.90
N LEU A 221 -4.78 19.31 11.18
CA LEU A 221 -5.37 18.01 11.56
C LEU A 221 -6.70 18.12 12.29
N THR A 222 -7.58 18.99 11.81
CA THR A 222 -8.89 19.21 12.41
C THR A 222 -9.98 19.17 11.36
N GLY A 223 -11.24 19.25 11.81
CA GLY A 223 -12.40 19.27 10.95
C GLY A 223 -12.32 18.10 9.99
N ALA A 224 -12.49 18.38 8.70
CA ALA A 224 -12.44 17.31 7.71
C ALA A 224 -11.12 16.59 7.72
N ASN A 225 -10.06 17.21 8.26
CA ASN A 225 -8.74 16.53 8.32
C ASN A 225 -8.32 15.92 9.66
N ALA A 226 -9.23 15.91 10.62
CA ALA A 226 -9.03 15.14 11.82
C ALA A 226 -8.57 13.71 11.47
N LEU A 227 -7.64 13.17 12.22
CA LEU A 227 -7.37 11.74 12.13
C LEU A 227 -8.62 11.04 12.62
N THR A 228 -8.73 9.74 12.30
CA THR A 228 -9.88 8.96 12.71
C THR A 228 -9.47 7.62 13.28
N ALA A 229 -10.32 7.10 14.14
CA ALA A 229 -10.16 5.75 14.61
C ALA A 229 -11.51 5.25 15.13
N LYS A 230 -11.55 4.05 15.72
CA LYS A 230 -12.77 3.54 16.38
C LYS A 230 -12.49 2.70 17.61
N VAL A 231 -13.42 2.74 18.56
CA VAL A 231 -13.21 2.04 19.80
C VAL A 231 -12.79 0.64 19.47
N GLY A 232 -11.66 0.23 20.04
CA GLY A 232 -11.10 -1.09 19.77
C GLY A 232 -9.82 -1.04 18.98
N GLU A 233 -9.72 -0.09 18.05
CA GLU A 233 -8.50 0.04 17.24
C GLU A 233 -7.30 0.45 18.08
N THR A 234 -6.17 -0.17 17.81
CA THR A 234 -4.89 0.28 18.33
C THR A 234 -4.15 1.13 17.27
N VAL A 235 -3.93 2.42 17.56
CA VAL A 235 -3.17 3.24 16.64
C VAL A 235 -1.76 3.48 17.12
N LEU A 236 -0.90 3.82 16.18
CA LEU A 236 0.43 4.22 16.47
C LEU A 236 0.54 5.69 16.14
N LEU A 237 0.92 6.48 17.13
CA LEU A 237 1.22 7.88 16.89
C LEU A 237 2.72 8.16 16.89
N ILE A 238 3.20 8.56 15.74
CA ILE A 238 4.59 8.91 15.52
C ILE A 238 4.68 10.41 15.42
N HIS A 239 5.55 10.97 16.24
CA HIS A 239 5.66 12.40 16.39
C HIS A 239 7.11 12.80 16.24
N SER A 240 7.41 13.55 15.19
CA SER A 240 8.75 14.10 14.99
C SER A 240 8.79 15.59 15.38
N GLN A 241 9.91 16.01 15.98
CA GLN A 241 10.28 17.42 16.14
C GLN A 241 11.78 17.54 15.97
N ALA A 242 12.21 18.14 14.88
CA ALA A 242 13.60 18.07 14.45
C ALA A 242 14.44 19.19 14.96
N ASN A 243 13.82 20.16 15.64
CA ASN A 243 14.53 21.33 16.18
C ASN A 243 14.19 21.77 17.62
N ARG A 244 13.11 21.26 18.18
CA ARG A 244 12.68 21.76 19.45
C ARG A 244 11.79 20.77 20.21
N ASP A 245 11.87 20.86 21.54
CA ASP A 245 11.20 19.95 22.45
C ASP A 245 9.73 20.11 22.29
N THR A 246 9.00 19.01 22.42
CA THR A 246 7.57 19.07 22.53
C THR A 246 7.19 17.99 23.54
N ARG A 247 5.98 18.10 24.09
CA ARG A 247 5.47 17.13 25.08
C ARG A 247 4.05 16.66 24.70
N PRO A 248 3.94 15.62 23.86
CA PRO A 248 2.64 15.24 23.34
C PRO A 248 1.72 14.67 24.40
N HIS A 249 0.42 14.78 24.10
CA HIS A 249 -0.64 14.38 25.01
C HIS A 249 -1.93 14.17 24.22
N LEU A 250 -2.76 13.27 24.71
CA LEU A 250 -4.00 12.92 24.07
C LEU A 250 -5.08 13.08 25.10
N ILE A 251 -5.95 14.05 24.91
CA ILE A 251 -6.98 14.37 25.91
C ILE A 251 -8.06 13.31 25.99
N GLY A 252 -8.28 12.80 27.19
CA GLY A 252 -9.19 11.69 27.46
C GLY A 252 -8.54 10.37 27.16
N GLY A 253 -7.28 10.39 26.71
CA GLY A 253 -6.59 9.17 26.37
C GLY A 253 -5.37 8.97 27.24
N HIS A 254 -4.48 8.08 26.77
CA HIS A 254 -3.15 7.89 27.34
C HIS A 254 -2.18 7.42 26.27
N GLY A 255 -0.93 7.22 26.64
CA GLY A 255 0.01 6.48 25.84
C GLY A 255 0.03 5.16 26.57
N ASP A 256 -0.56 4.12 25.97
CA ASP A 256 -0.59 2.81 26.57
C ASP A 256 0.85 2.27 26.70
N TRP A 257 1.60 2.33 25.58
CA TRP A 257 3.05 2.07 25.55
C TRP A 257 3.77 3.13 24.71
N VAL A 258 4.86 3.71 25.22
CA VAL A 258 5.45 4.89 24.57
C VAL A 258 6.95 4.83 24.63
N TRP A 259 7.56 5.02 23.47
CA TRP A 259 8.99 5.13 23.33
C TRP A 259 9.26 6.60 23.15
N GLU A 260 9.49 7.36 24.23
CA GLU A 260 9.64 8.81 24.05
C GLU A 260 10.97 9.20 23.39
N THR A 261 11.99 8.39 23.63
CA THR A 261 13.29 8.60 22.95
C THR A 261 13.36 7.92 21.60
N GLY A 262 12.34 7.11 21.33
CA GLY A 262 11.98 6.72 19.98
C GLY A 262 12.64 5.47 19.49
N LYS A 263 13.25 4.70 20.37
CA LYS A 263 14.09 3.58 19.97
C LYS A 263 13.63 2.26 20.57
N PHE A 264 13.29 1.33 19.68
CA PHE A 264 12.42 0.19 20.01
C PHE A 264 13.09 -0.94 20.77
N ALA A 265 14.40 -1.10 20.58
CA ALA A 265 15.16 -2.03 21.45
C ALA A 265 15.11 -1.68 22.93
N ASN A 266 14.53 -0.51 23.28
CA ASN A 266 14.36 -0.05 24.66
C ASN A 266 12.92 -0.19 25.17
N PRO A 267 12.74 -0.67 26.41
CA PRO A 267 11.38 -0.94 26.87
C PRO A 267 10.54 0.31 26.92
N PRO A 268 9.29 0.22 26.47
CA PRO A 268 8.39 1.35 26.50
C PRO A 268 7.86 1.62 27.88
N GLN A 269 7.53 2.87 28.14
CA GLN A 269 6.79 3.21 29.33
C GLN A 269 5.29 3.08 29.04
N ARG A 270 4.49 2.92 30.09
CA ARG A 270 3.05 2.67 29.93
C ARG A 270 2.23 3.63 30.76
N ASP A 271 0.97 3.78 30.42
CA ASP A 271 0.04 4.65 31.12
C ASP A 271 0.40 6.14 31.11
N LEU A 272 1.20 6.60 30.15
CA LEU A 272 1.65 8.00 30.17
C LEU A 272 0.48 8.97 29.93
N GLU A 273 0.52 10.13 30.58
CA GLU A 273 -0.48 11.16 30.34
C GLU A 273 0.09 12.07 29.25
N THR A 274 1.32 12.50 29.49
CA THR A 274 2.08 13.35 28.61
C THR A 274 3.48 12.78 28.57
N TRP A 275 4.02 12.71 27.36
CA TRP A 275 5.41 12.24 27.13
C TRP A 275 6.22 13.35 26.46
N PHE A 276 7.50 13.05 26.20
CA PHE A 276 8.45 14.10 25.84
C PHE A 276 9.30 13.74 24.64
N ILE A 277 9.26 14.59 23.61
CA ILE A 277 10.06 14.42 22.38
C ILE A 277 11.19 15.48 22.24
N ARG A 278 12.43 15.05 22.41
CA ARG A 278 13.55 15.97 22.40
C ARG A 278 13.69 16.57 21.02
N GLY A 279 13.88 17.89 20.95
CA GLY A 279 14.31 18.55 19.69
C GLY A 279 15.36 17.70 19.01
N GLY A 280 15.17 17.40 17.73
CA GLY A 280 16.01 16.45 16.97
C GLY A 280 15.77 14.96 17.30
N SER A 281 14.53 14.61 17.63
CA SER A 281 14.18 13.21 17.88
C SER A 281 12.77 12.94 17.42
N ALA A 282 12.47 11.67 17.23
CA ALA A 282 11.11 11.22 16.92
C ALA A 282 10.77 10.10 17.90
N GLY A 283 9.53 10.07 18.33
CA GLY A 283 9.07 9.06 19.28
C GLY A 283 7.76 8.47 18.81
N ALA A 284 7.33 7.42 19.52
CA ALA A 284 6.17 6.64 19.14
C ALA A 284 5.43 6.21 20.38
N ALA A 285 4.10 6.29 20.28
CA ALA A 285 3.21 5.95 21.36
C ALA A 285 2.09 5.14 20.75
N LEU A 286 1.68 4.07 21.44
CA LEU A 286 0.56 3.23 21.04
C LEU A 286 -0.59 3.55 21.93
N TYR A 287 -1.80 3.64 21.38
CA TYR A 287 -3.03 3.72 22.23
C TYR A 287 -4.20 2.93 21.64
N THR A 288 -4.86 2.15 22.48
CA THR A 288 -6.10 1.52 22.06
C THR A 288 -7.30 2.27 22.63
N PHE A 289 -8.15 2.74 21.72
CA PHE A 289 -9.27 3.55 22.08
C PHE A 289 -10.30 2.70 22.75
N LYS A 290 -10.70 3.14 23.94
CA LYS A 290 -11.72 2.49 24.73
C LYS A 290 -13.02 3.27 24.71
N GLN A 291 -13.08 4.41 24.03
CA GLN A 291 -14.28 5.30 24.08
C GLN A 291 -14.41 6.11 22.80
N PRO A 292 -15.65 6.24 22.26
CA PRO A 292 -15.90 7.11 21.13
C PRO A 292 -15.88 8.56 21.58
N GLY A 293 -15.97 9.49 20.64
CA GLY A 293 -15.86 10.91 20.94
C GLY A 293 -14.75 11.53 20.14
N VAL A 294 -14.73 12.85 20.16
CA VAL A 294 -13.65 13.64 19.56
C VAL A 294 -12.57 13.78 20.60
N TYR A 295 -11.37 13.32 20.28
CA TYR A 295 -10.21 13.57 21.13
C TYR A 295 -9.35 14.68 20.53
N ALA A 296 -8.53 15.31 21.38
CA ALA A 296 -7.44 16.17 20.96
C ALA A 296 -6.10 15.53 21.28
N TYR A 297 -5.19 15.65 20.33
CA TYR A 297 -3.80 15.22 20.49
C TYR A 297 -3.00 16.50 20.34
N LEU A 298 -2.12 16.79 21.31
CA LEU A 298 -1.42 18.08 21.34
C LEU A 298 -0.12 18.15 22.14
N ASN A 299 0.68 19.18 21.82
CA ASN A 299 1.74 19.69 22.70
C ASN A 299 1.21 20.30 24.02
N HIS A 300 1.42 19.64 25.16
CA HIS A 300 0.76 20.05 26.39
C HIS A 300 1.48 21.16 27.10
N ASN A 301 2.16 22.01 26.37
CA ASN A 301 2.26 23.38 26.80
C ASN A 301 1.07 24.04 26.17
N LEU A 302 0.03 24.25 26.95
CA LEU A 302 -1.23 24.64 26.38
C LEU A 302 -1.19 25.96 25.60
N ILE A 303 -0.22 26.81 25.88
CA ILE A 303 0.00 28.01 25.08
C ILE A 303 0.49 27.69 23.68
N GLU A 304 1.48 26.80 23.63
CA GLU A 304 2.03 26.34 22.37
C GLU A 304 0.98 25.63 21.52
N ALA A 305 0.02 25.00 22.20
CA ALA A 305 -1.05 24.29 21.53
C ALA A 305 -2.12 25.25 21.03
N PHE A 306 -2.76 25.96 21.95
CA PHE A 306 -3.95 26.74 21.59
C PHE A 306 -3.68 28.13 21.05
N GLU A 307 -2.66 28.80 21.54
CA GLU A 307 -2.31 30.07 20.96
C GLU A 307 -1.55 29.87 19.68
N LEU A 308 -0.69 28.86 19.59
CA LEU A 308 0.31 28.83 18.54
C LEU A 308 0.11 27.78 17.45
N GLY A 309 -0.68 26.76 17.74
CA GLY A 309 -1.14 25.86 16.69
C GLY A 309 -0.78 24.40 16.81
N ALA A 310 -0.11 24.01 17.89
CA ALA A 310 0.32 22.64 18.05
C ALA A 310 -0.83 21.80 18.65
N ALA A 311 -1.86 21.56 17.86
CA ALA A 311 -2.96 20.72 18.31
C ALA A 311 -3.73 20.08 17.14
N GLY A 312 -4.16 18.86 17.36
CA GLY A 312 -5.00 18.22 16.40
C GLY A 312 -6.15 17.52 17.07
N HIS A 313 -6.94 16.84 16.23
CA HIS A 313 -8.12 16.14 16.65
C HIS A 313 -8.10 14.69 16.17
N ILE A 314 -8.61 13.80 17.01
CA ILE A 314 -8.88 12.44 16.60
C ILE A 314 -10.37 12.13 16.80
N LYS A 315 -11.03 11.67 15.74
CA LYS A 315 -12.47 11.46 15.78
C LYS A 315 -12.69 9.98 15.80
N VAL A 316 -13.38 9.52 16.85
CA VAL A 316 -13.45 8.11 17.21
C VAL A 316 -14.90 7.69 17.31
N GLU A 317 -15.25 6.59 16.63
CA GLU A 317 -16.60 5.99 16.60
C GLU A 317 -16.64 4.81 17.53
N GLY A 318 -17.86 4.41 17.89
CA GLY A 318 -18.07 3.25 18.76
C GLY A 318 -19.10 3.60 19.81
N LYS A 319 -19.21 2.74 20.82
CA LYS A 319 -20.26 2.82 21.85
C LYS A 319 -19.63 3.24 23.21
N TRP A 320 -20.28 4.20 23.88
CA TRP A 320 -19.83 4.71 25.17
C TRP A 320 -19.84 3.65 26.28
N ASN A 321 -18.93 3.82 27.23
CA ASN A 321 -18.76 2.91 28.35
C ASN A 321 -18.85 3.64 29.70
N ASP A 322 -19.95 3.40 30.41
CA ASP A 322 -20.20 4.02 31.72
C ASP A 322 -19.30 3.45 32.85
N ASP A 323 -18.71 2.27 32.63
CA ASP A 323 -17.81 1.73 33.64
C ASP A 323 -16.62 2.67 33.76
N LEU A 324 -16.08 3.06 32.60
CA LEU A 324 -14.91 3.91 32.54
C LEU A 324 -15.22 5.33 32.98
N MET A 325 -16.36 5.86 32.56
CA MET A 325 -16.77 7.19 32.96
C MET A 325 -18.26 7.35 32.69
N LYS A 326 -18.93 8.12 33.56
CA LYS A 326 -20.37 8.38 33.47
C LYS A 326 -20.79 9.69 34.11
N GLN A 327 -21.75 10.38 33.51
CA GLN A 327 -22.25 11.64 34.06
C GLN A 327 -23.32 11.32 35.11
N ILE A 328 -22.94 11.38 36.38
CA ILE A 328 -23.87 11.03 37.44
C ILE A 328 -24.95 12.08 37.58
N LYS A 329 -24.56 13.33 37.49
CA LYS A 329 -25.47 14.41 37.75
C LYS A 329 -25.04 15.52 36.85
N ALA A 330 -25.81 15.74 35.79
CA ALA A 330 -25.40 16.67 34.76
C ALA A 330 -25.49 18.09 35.32
N PRO A 331 -24.77 19.04 34.71
CA PRO A 331 -24.73 20.40 35.24
C PRO A 331 -26.12 20.90 35.55
N ALA A 332 -26.29 21.47 36.72
CA ALA A 332 -27.62 21.87 37.18
C ALA A 332 -27.44 22.88 38.32
N PRO A 333 -28.52 23.56 38.72
CA PRO A 333 -28.31 24.61 39.73
C PRO A 333 -27.97 24.05 41.13
N ILE A 334 -27.44 24.90 42.01
CA ILE A 334 -26.90 24.48 43.31
C ILE A 334 -27.93 24.68 44.44
N PRO A 335 -28.35 23.61 45.11
CA PRO A 335 -29.43 23.69 46.11
C PRO A 335 -29.47 24.91 47.04
N ASP B 2 8.83 -38.66 -23.06
CA ASP B 2 8.22 -38.66 -21.71
C ASP B 2 8.93 -37.66 -20.79
N ALA B 3 8.15 -37.03 -19.92
CA ALA B 3 8.54 -35.78 -19.25
C ALA B 3 9.48 -35.89 -18.05
N ASP B 4 9.36 -37.01 -17.32
CA ASP B 4 10.21 -37.31 -16.14
C ASP B 4 11.68 -37.51 -16.53
N LYS B 5 11.89 -37.83 -17.81
CA LYS B 5 13.20 -38.08 -18.36
C LYS B 5 13.97 -36.81 -18.73
N LEU B 6 13.28 -35.71 -19.02
CA LEU B 6 13.91 -34.53 -19.64
C LEU B 6 14.62 -33.58 -18.63
N PRO B 7 15.66 -32.85 -19.11
CA PRO B 7 16.46 -31.95 -18.25
C PRO B 7 15.61 -30.93 -17.48
N HIS B 8 15.74 -30.87 -16.16
CA HIS B 8 15.01 -29.88 -15.35
C HIS B 8 15.81 -28.59 -15.07
N THR B 9 15.72 -27.59 -15.93
CA THR B 9 16.24 -26.24 -15.61
C THR B 9 15.29 -25.46 -14.66
N LYS B 10 15.84 -24.51 -13.92
CA LYS B 10 15.10 -23.64 -13.02
C LYS B 10 15.43 -22.19 -13.30
N VAL B 11 14.40 -21.38 -13.50
CA VAL B 11 14.61 -19.97 -13.82
C VAL B 11 14.29 -19.04 -12.66
N THR B 12 15.07 -17.98 -12.57
CA THR B 12 14.82 -16.93 -11.61
C THR B 12 14.03 -15.84 -12.30
N LEU B 13 12.88 -15.47 -11.69
CA LEU B 13 11.94 -14.47 -12.25
C LEU B 13 12.34 -13.02 -11.92
N VAL B 14 11.81 -12.07 -12.70
CA VAL B 14 12.11 -10.64 -12.49
C VAL B 14 10.86 -9.73 -12.59
N ALA B 15 10.85 -8.71 -11.73
CA ALA B 15 9.68 -7.84 -11.63
C ALA B 15 9.44 -7.06 -12.92
N PRO B 16 8.19 -6.98 -13.33
CA PRO B 16 7.90 -6.15 -14.49
C PRO B 16 8.33 -4.69 -14.29
N PRO B 17 8.54 -3.97 -15.38
CA PRO B 17 8.26 -4.42 -16.74
C PRO B 17 9.27 -5.37 -17.29
N GLN B 18 10.39 -5.51 -16.59
CA GLN B 18 11.46 -6.36 -17.07
C GLN B 18 10.91 -7.74 -17.29
N VAL B 19 11.41 -8.39 -18.32
CA VAL B 19 11.16 -9.80 -18.53
C VAL B 19 12.47 -10.56 -18.34
N HIS B 20 12.39 -11.75 -17.74
CA HIS B 20 13.57 -12.55 -17.49
C HIS B 20 14.27 -12.89 -18.81
N PRO B 21 15.57 -13.18 -18.74
CA PRO B 21 16.34 -13.30 -19.97
C PRO B 21 16.10 -14.68 -20.56
N HIS B 22 16.24 -14.80 -21.89
CA HIS B 22 15.74 -15.99 -22.59
C HIS B 22 16.09 -16.00 -24.08
N GLU B 23 16.29 -17.18 -24.64
CA GLU B 23 16.57 -17.28 -26.08
C GLU B 23 15.28 -17.15 -26.85
N GLN B 24 15.31 -16.41 -27.94
CA GLN B 24 14.18 -16.38 -28.86
C GLN B 24 14.18 -17.72 -29.63
N ALA B 25 14.77 -17.73 -30.83
CA ALA B 25 15.16 -18.98 -31.48
C ALA B 25 16.20 -19.72 -30.65
N THR B 26 16.17 -21.04 -30.74
CA THR B 26 17.06 -21.86 -29.92
C THR B 26 17.13 -23.26 -30.55
N LYS B 27 18.36 -23.74 -30.76
CA LYS B 27 18.60 -25.10 -31.25
C LYS B 27 18.35 -26.11 -30.12
N SER B 28 18.49 -25.66 -28.87
CA SER B 28 18.07 -26.42 -27.68
C SER B 28 16.77 -27.28 -27.93
N GLY B 29 16.62 -28.37 -27.17
CA GLY B 29 15.46 -29.27 -27.28
C GLY B 29 14.52 -29.09 -26.09
N PRO B 30 13.42 -29.85 -26.08
CA PRO B 30 12.46 -29.74 -24.96
C PRO B 30 13.05 -29.98 -23.56
N LYS B 31 12.60 -29.18 -22.59
CA LYS B 31 12.97 -29.35 -21.19
C LYS B 31 11.83 -28.95 -20.26
N VAL B 32 11.89 -29.44 -19.04
CA VAL B 32 10.96 -29.05 -18.01
C VAL B 32 11.51 -27.81 -17.31
N VAL B 33 10.78 -26.68 -17.38
CA VAL B 33 11.25 -25.43 -16.77
C VAL B 33 10.60 -25.19 -15.40
N GLU B 34 11.40 -24.82 -14.43
CA GLU B 34 10.94 -24.74 -13.08
C GLU B 34 10.84 -23.30 -12.67
N PHE B 35 9.67 -22.93 -12.16
CA PHE B 35 9.46 -21.59 -11.63
C PHE B 35 8.98 -21.69 -10.21
N THR B 36 8.99 -20.57 -9.51
CA THR B 36 8.34 -20.45 -8.21
C THR B 36 7.69 -19.08 -8.02
N MET B 37 6.49 -19.05 -7.44
CA MET B 37 5.80 -17.79 -7.19
C MET B 37 5.06 -17.86 -5.87
N THR B 38 5.03 -16.73 -5.19
CA THR B 38 4.53 -16.66 -3.85
C THR B 38 3.50 -15.61 -3.83
N ILE B 39 2.35 -15.93 -3.26
CA ILE B 39 1.21 -15.06 -3.33
C ILE B 39 1.36 -14.07 -2.21
N GLU B 40 1.25 -12.79 -2.52
CA GLU B 40 1.22 -11.79 -1.45
C GLU B 40 -0.04 -10.91 -1.53
N GLU B 41 -0.82 -10.94 -0.45
CA GLU B 41 -1.94 -10.06 -0.26
C GLU B 41 -1.36 -8.88 0.41
N LYS B 42 -1.68 -7.70 -0.08
CA LYS B 42 -1.22 -6.45 0.55
C LYS B 42 -1.94 -5.26 -0.01
N LYS B 43 -2.05 -4.27 0.83
CA LYS B 43 -2.57 -2.98 0.48
C LYS B 43 -1.50 -2.28 -0.37
N MET B 44 -1.90 -1.70 -1.50
CA MET B 44 -0.99 -1.09 -2.47
C MET B 44 -1.48 0.33 -2.78
N VAL B 45 -0.58 1.24 -3.12
CA VAL B 45 -0.98 2.61 -3.45
C VAL B 45 -1.12 2.71 -4.94
N ILE B 46 -2.29 3.13 -5.40
CA ILE B 46 -2.58 3.00 -6.84
C ILE B 46 -2.72 4.34 -7.59
N ASP B 47 -2.34 5.45 -6.95
CA ASP B 47 -2.36 6.75 -7.61
C ASP B 47 -1.61 7.80 -6.80
N ASP B 48 -1.56 9.01 -7.35
CA ASP B 48 -0.80 10.15 -6.79
C ASP B 48 -1.50 10.77 -5.59
N LYS B 49 -2.83 10.69 -5.54
CA LYS B 49 -3.64 11.10 -4.38
C LYS B 49 -3.57 10.15 -3.17
N GLY B 50 -2.83 9.06 -3.27
CA GLY B 50 -2.71 8.17 -2.12
C GLY B 50 -3.94 7.31 -1.86
N THR B 51 -4.69 7.00 -2.91
CA THR B 51 -5.75 6.01 -2.84
C THR B 51 -5.14 4.64 -2.79
N THR B 52 -5.68 3.80 -1.92
CA THR B 52 -5.15 2.46 -1.77
C THR B 52 -6.09 1.45 -2.40
N LEU B 53 -5.55 0.24 -2.59
CA LEU B 53 -6.28 -0.89 -3.11
C LEU B 53 -6.01 -2.02 -2.16
N GLN B 54 -7.03 -2.76 -1.76
CA GLN B 54 -6.78 -3.99 -1.04
C GLN B 54 -6.45 -5.07 -2.08
N ALA B 55 -5.17 -5.11 -2.43
CA ALA B 55 -4.68 -5.91 -3.54
C ALA B 55 -4.36 -7.37 -3.21
N MET B 56 -4.30 -8.21 -4.25
CA MET B 56 -3.73 -9.52 -4.17
C MET B 56 -2.83 -9.74 -5.41
N THR B 57 -1.66 -10.37 -5.21
CA THR B 57 -0.66 -10.44 -6.26
C THR B 57 0.08 -11.75 -6.29
N PHE B 58 0.56 -12.10 -7.47
CA PHE B 58 1.52 -13.16 -7.57
C PHE B 58 2.89 -12.54 -7.37
N ASN B 59 3.55 -12.87 -6.26
CA ASN B 59 4.98 -12.65 -6.17
C ASN B 59 5.24 -11.17 -6.01
N GLY B 60 4.39 -10.52 -5.24
CA GLY B 60 4.58 -9.11 -4.88
C GLY B 60 4.12 -8.05 -5.87
N SER B 61 3.78 -8.43 -7.11
CA SER B 61 3.58 -7.46 -8.17
C SER B 61 2.29 -7.59 -9.00
N MET B 62 1.86 -6.44 -9.52
CA MET B 62 0.85 -6.35 -10.57
C MET B 62 1.53 -5.85 -11.85
N PRO B 63 1.60 -6.69 -12.88
CA PRO B 63 1.14 -8.07 -12.82
C PRO B 63 2.17 -8.97 -12.19
N GLY B 64 1.83 -10.24 -12.14
CA GLY B 64 2.82 -11.24 -11.87
C GLY B 64 3.82 -11.28 -13.00
N PRO B 65 5.06 -11.70 -12.66
CA PRO B 65 6.15 -11.72 -13.63
C PRO B 65 5.80 -12.53 -14.84
N THR B 66 6.45 -12.23 -15.95
CA THR B 66 6.19 -13.02 -17.13
C THR B 66 7.01 -14.31 -17.10
N LEU B 67 6.36 -15.41 -17.42
CA LEU B 67 7.05 -16.68 -17.55
C LEU B 67 7.29 -16.98 -19.02
N VAL B 68 8.55 -17.26 -19.36
CA VAL B 68 8.99 -17.44 -20.75
C VAL B 68 9.64 -18.81 -21.00
N VAL B 69 9.03 -19.56 -21.90
CA VAL B 69 9.54 -20.84 -22.31
C VAL B 69 9.23 -21.00 -23.79
N HIS B 70 9.55 -22.17 -24.35
CA HIS B 70 9.43 -22.43 -25.77
C HIS B 70 8.42 -23.51 -25.96
N GLU B 71 7.95 -23.65 -27.20
CA GLU B 71 6.93 -24.67 -27.54
C GLU B 71 7.43 -26.09 -27.24
N GLY B 72 6.59 -26.89 -26.60
CA GLY B 72 6.98 -28.25 -26.26
C GLY B 72 7.80 -28.39 -24.99
N ASP B 73 8.15 -27.28 -24.33
CA ASP B 73 8.74 -27.37 -23.01
C ASP B 73 7.61 -27.81 -22.07
N TYR B 74 7.95 -27.99 -20.81
CA TYR B 74 6.96 -28.30 -19.78
C TYR B 74 7.13 -27.25 -18.69
N VAL B 75 6.01 -26.80 -18.14
CA VAL B 75 6.09 -25.80 -17.11
C VAL B 75 5.86 -26.41 -15.75
N GLN B 76 6.80 -26.17 -14.84
CA GLN B 76 6.66 -26.69 -13.51
C GLN B 76 6.66 -25.58 -12.44
N LEU B 77 5.45 -25.22 -12.00
CA LEU B 77 5.25 -24.08 -11.14
C LEU B 77 5.05 -24.56 -9.73
N THR B 78 5.81 -23.98 -8.80
CA THR B 78 5.60 -24.27 -7.41
C THR B 78 4.99 -22.98 -6.87
N LEU B 79 3.83 -23.14 -6.24
CA LEU B 79 2.98 -22.03 -5.85
C LEU B 79 2.82 -22.07 -4.35
N VAL B 80 3.20 -20.97 -3.71
CA VAL B 80 3.29 -20.94 -2.29
C VAL B 80 2.33 -19.86 -1.84
N ASN B 81 1.57 -20.18 -0.78
CA ASN B 81 0.61 -19.27 -0.15
C ASN B 81 0.88 -19.22 1.37
N PRO B 82 1.75 -18.30 1.79
CA PRO B 82 2.09 -18.01 3.18
C PRO B 82 0.90 -17.92 4.15
N ALA B 83 1.16 -18.21 5.43
CA ALA B 83 0.14 -18.09 6.44
C ALA B 83 -0.02 -16.66 6.83
N THR B 84 0.88 -15.80 6.36
CA THR B 84 0.69 -14.35 6.48
C THR B 84 -0.52 -13.90 5.65
N ASN B 85 -0.93 -14.71 4.67
CA ASN B 85 -2.17 -14.49 3.91
C ASN B 85 -3.45 -14.93 4.64
N ALA B 86 -4.60 -14.52 4.09
CA ALA B 86 -5.91 -14.82 4.65
C ALA B 86 -6.81 -15.66 3.73
N MET B 87 -6.40 -15.90 2.48
CA MET B 87 -7.30 -16.49 1.45
C MET B 87 -6.71 -17.69 0.76
N PRO B 88 -7.58 -18.48 0.13
CA PRO B 88 -7.13 -19.53 -0.76
C PRO B 88 -6.88 -18.93 -2.11
N HIS B 89 -5.98 -19.53 -2.85
CA HIS B 89 -5.66 -19.02 -4.17
C HIS B 89 -5.33 -20.27 -4.96
N ASN B 90 -4.91 -20.11 -6.20
CA ASN B 90 -4.59 -21.24 -7.04
C ASN B 90 -4.12 -20.66 -8.35
N VAL B 91 -4.12 -21.39 -9.45
CA VAL B 91 -3.74 -20.77 -10.71
C VAL B 91 -4.38 -21.44 -11.95
N ASP B 92 -4.88 -20.58 -12.85
CA ASP B 92 -5.47 -20.96 -14.14
C ASP B 92 -4.45 -20.45 -15.12
N PHE B 93 -3.81 -21.38 -15.81
CA PHE B 93 -2.90 -21.09 -16.91
C PHE B 93 -3.70 -21.27 -18.19
N HIS B 94 -4.01 -20.15 -18.87
CA HIS B 94 -4.65 -20.22 -20.19
C HIS B 94 -3.81 -21.01 -21.21
N GLY B 95 -2.54 -21.25 -20.87
CA GLY B 95 -1.65 -22.05 -21.72
C GLY B 95 -1.64 -23.53 -21.43
N ALA B 96 -2.33 -23.94 -20.37
CA ALA B 96 -2.37 -25.34 -20.03
C ALA B 96 -3.50 -26.01 -20.79
N THR B 97 -3.59 -27.33 -20.67
CA THR B 97 -4.74 -28.07 -21.14
C THR B 97 -5.23 -28.96 -19.98
N GLY B 98 -6.49 -28.78 -19.58
CA GLY B 98 -7.13 -29.60 -18.52
C GLY B 98 -7.24 -28.93 -17.15
N ALA B 99 -8.14 -29.45 -16.33
CA ALA B 99 -8.26 -29.05 -14.93
C ALA B 99 -8.47 -27.57 -14.73
N LEU B 100 -9.35 -27.00 -15.58
CA LEU B 100 -9.65 -25.57 -15.51
C LEU B 100 -8.32 -24.79 -15.59
N GLY B 101 -7.44 -25.29 -16.45
CA GLY B 101 -6.10 -24.74 -16.66
C GLY B 101 -5.14 -24.82 -15.49
N GLY B 102 -5.38 -25.74 -14.55
CA GLY B 102 -4.51 -25.94 -13.40
C GLY B 102 -5.22 -25.75 -12.09
N ALA B 103 -6.31 -25.00 -12.13
CA ALA B 103 -6.91 -24.47 -10.92
C ALA B 103 -7.27 -25.55 -9.91
N LYS B 104 -7.76 -26.68 -10.39
CA LYS B 104 -8.21 -27.77 -9.52
C LYS B 104 -7.08 -28.37 -8.69
N LEU B 105 -5.91 -28.45 -9.31
CA LEU B 105 -4.77 -29.11 -8.69
C LEU B 105 -3.81 -28.14 -8.02
N THR B 106 -4.24 -26.89 -7.78
CA THR B 106 -3.41 -25.85 -7.14
C THR B 106 -4.15 -25.11 -6.01
N ASN B 107 -5.18 -25.73 -5.43
CA ASN B 107 -5.94 -25.05 -4.38
C ASN B 107 -5.16 -25.07 -3.08
N VAL B 108 -4.50 -23.96 -2.81
CA VAL B 108 -3.68 -23.81 -1.63
C VAL B 108 -4.31 -22.85 -0.63
N ASN B 109 -4.44 -23.29 0.62
CA ASN B 109 -4.88 -22.41 1.72
C ASN B 109 -3.68 -21.67 2.32
N PRO B 110 -3.90 -20.67 3.20
CA PRO B 110 -2.74 -20.01 3.81
C PRO B 110 -1.90 -20.98 4.66
N GLY B 111 -0.62 -21.10 4.33
CA GLY B 111 0.25 -22.10 4.94
C GLY B 111 0.43 -23.31 4.03
N GLU B 112 -0.26 -23.36 2.90
CA GLU B 112 -0.09 -24.48 1.99
C GLU B 112 0.73 -24.07 0.82
N GLN B 113 1.10 -25.06 0.03
CA GLN B 113 1.76 -24.86 -1.24
C GLN B 113 1.59 -26.11 -2.11
N ALA B 114 1.66 -25.96 -3.42
CA ALA B 114 1.46 -27.06 -4.34
C ALA B 114 2.41 -26.92 -5.53
N THR B 115 2.61 -28.00 -6.30
CA THR B 115 3.48 -27.98 -7.50
C THR B 115 2.79 -28.67 -8.68
N LEU B 116 2.82 -28.01 -9.83
CA LEU B 116 2.00 -28.42 -10.94
C LEU B 116 2.78 -28.30 -12.23
N ARG B 117 2.65 -29.33 -13.05
CA ARG B 117 3.39 -29.39 -14.26
C ARG B 117 2.39 -29.47 -15.39
N PHE B 118 2.64 -28.70 -16.44
CA PHE B 118 1.85 -28.81 -17.63
C PHE B 118 2.71 -28.53 -18.86
N LYS B 119 2.19 -28.89 -20.03
CA LYS B 119 2.95 -28.90 -21.27
C LYS B 119 2.59 -27.75 -22.20
N ALA B 120 3.59 -26.99 -22.63
CA ALA B 120 3.37 -25.83 -23.49
C ALA B 120 3.19 -26.19 -24.95
N ASP B 121 2.19 -27.00 -25.29
CA ASP B 121 2.07 -27.51 -26.66
C ASP B 121 1.75 -26.45 -27.69
N ARG B 122 1.26 -25.29 -27.23
CA ARG B 122 0.87 -24.17 -28.12
C ARG B 122 1.71 -22.91 -27.81
N SER B 123 2.18 -22.25 -28.87
CA SER B 123 2.99 -21.04 -28.76
C SER B 123 2.11 -19.83 -28.66
N GLY B 124 2.64 -18.75 -28.08
CA GLY B 124 1.90 -17.48 -27.92
C GLY B 124 2.07 -16.83 -26.56
N THR B 125 1.44 -15.67 -26.35
CA THR B 125 1.36 -15.08 -25.00
C THR B 125 0.04 -15.46 -24.36
N PHE B 126 0.13 -15.94 -23.13
CA PHE B 126 -1.01 -16.55 -22.48
C PHE B 126 -1.18 -15.97 -21.10
N VAL B 127 -2.43 -15.87 -20.66
CA VAL B 127 -2.67 -15.29 -19.36
C VAL B 127 -2.53 -16.39 -18.33
N TYR B 128 -2.18 -15.99 -17.12
CA TYR B 128 -2.40 -16.83 -15.95
C TYR B 128 -3.03 -15.96 -14.88
N HIS B 129 -3.95 -16.52 -14.11
CA HIS B 129 -4.55 -15.79 -13.02
C HIS B 129 -5.10 -16.73 -11.99
N CYS B 130 -5.21 -16.23 -10.77
CA CYS B 130 -5.92 -16.95 -9.73
C CYS B 130 -7.38 -17.13 -10.13
N ALA B 131 -7.93 -18.31 -9.83
CA ALA B 131 -9.35 -18.60 -10.01
C ALA B 131 -9.99 -19.40 -8.82
N PRO B 132 -9.90 -18.88 -7.61
CA PRO B 132 -10.53 -19.62 -6.53
C PRO B 132 -12.06 -19.62 -6.70
N GLU B 133 -12.70 -20.76 -6.47
CA GLU B 133 -14.11 -20.92 -6.83
C GLU B 133 -14.99 -20.01 -6.02
N GLY B 134 -15.86 -19.27 -6.72
CA GLY B 134 -16.78 -18.33 -6.07
C GLY B 134 -16.22 -16.92 -5.88
N MET B 135 -14.99 -16.71 -6.31
CA MET B 135 -14.26 -15.44 -6.10
C MET B 135 -13.27 -15.16 -7.23
N VAL B 136 -13.49 -15.79 -8.37
CA VAL B 136 -12.62 -15.64 -9.50
C VAL B 136 -12.51 -14.18 -9.87
N PRO B 137 -13.66 -13.48 -10.09
CA PRO B 137 -13.55 -12.10 -10.56
C PRO B 137 -12.92 -11.15 -9.55
N TRP B 138 -13.19 -11.34 -8.26
CA TRP B 138 -12.52 -10.53 -7.25
C TRP B 138 -11.02 -10.68 -7.27
N HIS B 139 -10.52 -11.90 -7.13
CA HIS B 139 -9.08 -12.11 -7.00
C HIS B 139 -8.35 -11.60 -8.23
N VAL B 140 -8.99 -11.70 -9.37
CA VAL B 140 -8.38 -11.35 -10.62
C VAL B 140 -8.31 -9.83 -10.79
N VAL B 141 -9.39 -9.13 -10.44
CA VAL B 141 -9.37 -7.68 -10.58
C VAL B 141 -8.51 -7.05 -9.52
N SER B 142 -8.34 -7.74 -8.38
CA SER B 142 -7.46 -7.31 -7.28
C SER B 142 -5.96 -7.51 -7.57
N GLY B 143 -5.61 -8.13 -8.70
CA GLY B 143 -4.21 -8.14 -9.19
C GLY B 143 -3.57 -9.48 -9.45
N MET B 144 -4.32 -10.55 -9.32
CA MET B 144 -3.75 -11.88 -9.50
C MET B 144 -3.85 -12.35 -10.93
N SER B 145 -3.03 -11.76 -11.78
CA SER B 145 -2.90 -12.21 -13.16
C SER B 145 -1.51 -11.88 -13.66
N GLY B 146 -1.12 -12.54 -14.74
CA GLY B 146 0.14 -12.24 -15.42
C GLY B 146 0.26 -12.95 -16.74
N THR B 147 1.47 -13.02 -17.30
CA THR B 147 1.63 -13.60 -18.62
C THR B 147 2.62 -14.76 -18.71
N LEU B 148 2.23 -15.76 -19.48
CA LEU B 148 3.12 -16.86 -19.88
C LEU B 148 3.41 -16.77 -21.37
N MET B 149 4.63 -16.41 -21.74
CA MET B 149 5.02 -16.44 -23.15
C MET B 149 5.61 -17.79 -23.54
N VAL B 150 5.13 -18.35 -24.63
CA VAL B 150 5.65 -19.61 -25.10
C VAL B 150 6.13 -19.30 -26.50
N LEU B 151 7.42 -19.03 -26.65
CA LEU B 151 7.97 -18.70 -27.98
C LEU B 151 8.03 -19.94 -28.89
N PRO B 152 7.86 -19.73 -30.20
CA PRO B 152 8.14 -20.83 -31.13
C PRO B 152 9.59 -21.23 -30.98
N ARG B 153 9.91 -22.43 -31.43
CA ARG B 153 11.21 -23.01 -31.12
C ARG B 153 12.38 -22.38 -31.91
N ASP B 154 12.09 -21.80 -33.08
CA ASP B 154 13.09 -21.01 -33.81
C ASP B 154 12.55 -19.58 -34.07
N GLY B 155 12.23 -18.88 -32.98
CA GLY B 155 11.96 -17.44 -33.01
C GLY B 155 10.58 -17.05 -33.51
N LEU B 156 10.36 -15.73 -33.59
CA LEU B 156 9.11 -15.17 -34.08
C LEU B 156 9.19 -14.94 -35.56
N LYS B 157 8.05 -15.03 -36.22
CA LYS B 157 8.02 -15.21 -37.68
C LYS B 157 6.98 -14.31 -38.32
N ASP B 158 7.33 -13.69 -39.44
CA ASP B 158 6.37 -12.84 -40.17
C ASP B 158 5.45 -13.73 -41.06
N PRO B 159 4.47 -13.13 -41.77
CA PRO B 159 3.56 -13.93 -42.60
C PRO B 159 4.22 -14.66 -43.77
N GLN B 160 5.33 -14.13 -44.27
CA GLN B 160 6.09 -14.81 -45.32
C GLN B 160 7.11 -15.75 -44.69
N GLY B 161 6.79 -16.36 -43.55
CA GLY B 161 7.70 -17.29 -42.88
C GLY B 161 9.07 -16.75 -42.47
N LYS B 162 9.29 -15.45 -42.68
CA LYS B 162 10.60 -14.83 -42.48
C LYS B 162 10.85 -14.54 -41.01
N PRO B 163 12.11 -14.62 -40.56
CA PRO B 163 12.41 -14.51 -39.12
C PRO B 163 12.31 -13.09 -38.59
N LEU B 164 12.05 -12.96 -37.28
CA LEU B 164 11.89 -11.66 -36.60
C LEU B 164 12.51 -11.61 -35.20
N HIS B 165 13.15 -10.49 -34.88
CA HIS B 165 13.98 -10.42 -33.68
C HIS B 165 13.69 -9.19 -32.79
N TYR B 166 13.54 -9.40 -31.48
CA TYR B 166 13.48 -8.29 -30.51
C TYR B 166 14.73 -8.17 -29.61
N ASP B 167 15.16 -6.93 -29.39
CA ASP B 167 16.30 -6.63 -28.54
C ASP B 167 15.92 -6.57 -27.05
N ARG B 168 14.71 -6.13 -26.73
CA ARG B 168 14.18 -6.40 -25.38
C ARG B 168 12.67 -6.52 -25.36
N ALA B 169 12.20 -7.13 -24.29
CA ALA B 169 10.79 -7.37 -24.08
C ALA B 169 10.43 -6.67 -22.80
N TYR B 170 9.46 -5.77 -22.93
CA TYR B 170 8.80 -5.17 -21.80
C TYR B 170 7.42 -5.80 -21.71
N THR B 171 6.96 -5.99 -20.48
CA THR B 171 5.66 -6.60 -20.23
C THR B 171 4.76 -5.56 -19.51
N ILE B 172 3.51 -5.43 -19.96
CA ILE B 172 2.54 -4.52 -19.34
C ILE B 172 1.22 -5.20 -18.99
N GLY B 173 0.82 -5.08 -17.74
CA GLY B 173 -0.47 -5.58 -17.28
C GLY B 173 -1.40 -4.42 -16.95
N GLU B 174 -2.54 -4.39 -17.61
CA GLU B 174 -3.48 -3.33 -17.42
C GLU B 174 -4.50 -3.86 -16.46
N PHE B 175 -4.83 -3.04 -15.48
CA PHE B 175 -5.64 -3.46 -14.36
C PHE B 175 -6.80 -2.50 -14.17
N ASP B 176 -7.99 -2.99 -14.52
CA ASP B 176 -9.20 -2.25 -14.33
C ASP B 176 -9.60 -2.44 -12.87
N LEU B 177 -9.67 -1.37 -12.12
CA LEU B 177 -9.91 -1.43 -10.68
C LEU B 177 -11.28 -0.88 -10.30
N TYR B 178 -11.85 -1.45 -9.25
CA TYR B 178 -13.17 -1.07 -8.84
C TYR B 178 -13.16 -0.64 -7.39
N ILE B 179 -12.51 0.47 -7.11
CA ILE B 179 -12.41 0.96 -5.73
C ILE B 179 -13.61 1.80 -5.27
N PRO B 180 -14.23 1.41 -4.14
CA PRO B 180 -15.45 2.01 -3.61
C PRO B 180 -15.32 3.45 -3.09
N LYS B 181 -16.45 4.10 -2.81
CA LYS B 181 -16.45 5.39 -2.12
C LYS B 181 -17.38 5.45 -0.90
N GLY B 182 -17.06 6.35 0.03
CA GLY B 182 -17.98 6.73 1.11
C GLY B 182 -19.05 7.70 0.61
N PRO B 183 -20.00 8.08 1.49
CA PRO B 183 -21.03 9.01 1.05
C PRO B 183 -20.45 10.38 0.68
N ASP B 184 -19.30 10.70 1.25
CA ASP B 184 -18.61 11.95 0.93
C ASP B 184 -17.76 11.94 -0.36
N GLY B 185 -18.04 11.02 -1.29
CA GLY B 185 -17.31 10.96 -2.57
C GLY B 185 -15.81 10.69 -2.50
N LYS B 186 -15.28 10.35 -1.33
CA LYS B 186 -13.87 10.01 -1.21
C LYS B 186 -13.72 8.53 -1.44
N TYR B 187 -12.61 8.12 -2.03
CA TYR B 187 -12.36 6.70 -2.13
C TYR B 187 -12.22 6.19 -0.72
N LYS B 188 -12.74 4.99 -0.50
CA LYS B 188 -12.67 4.28 0.77
C LYS B 188 -11.28 3.75 1.03
N ASP B 189 -10.99 3.48 2.30
CA ASP B 189 -9.72 2.90 2.75
C ASP B 189 -10.01 1.75 3.70
N TYR B 190 -9.65 0.53 3.35
CA TYR B 190 -10.02 -0.61 4.19
C TYR B 190 -8.86 -1.02 5.10
N ALA B 191 -9.19 -1.44 6.31
CA ALA B 191 -8.17 -1.78 7.30
C ALA B 191 -7.74 -3.24 7.22
N THR B 192 -8.55 -4.10 6.58
CA THR B 192 -8.13 -5.43 6.14
C THR B 192 -8.73 -5.72 4.76
N LEU B 193 -8.22 -6.76 4.11
CA LEU B 193 -8.71 -7.23 2.81
C LEU B 193 -10.18 -7.67 2.77
N ALA B 194 -10.60 -8.41 3.80
CA ALA B 194 -11.97 -8.91 3.84
C ALA B 194 -13.02 -7.78 3.84
N GLU B 195 -12.75 -6.73 4.62
CA GLU B 195 -13.59 -5.55 4.66
C GLU B 195 -13.73 -4.86 3.29
N SER B 196 -12.84 -5.17 2.36
CA SER B 196 -12.95 -4.61 1.01
C SER B 196 -14.07 -5.28 0.19
N TYR B 197 -14.47 -6.50 0.55
CA TYR B 197 -15.22 -7.40 -0.36
C TYR B 197 -16.57 -6.89 -0.89
N GLY B 198 -17.48 -6.65 0.05
CA GLY B 198 -18.87 -6.41 -0.25
C GLY B 198 -19.05 -5.11 -0.98
N ASP B 199 -18.29 -4.11 -0.57
CA ASP B 199 -18.31 -2.84 -1.31
C ASP B 199 -17.70 -2.96 -2.71
N THR B 200 -16.62 -3.69 -2.83
CA THR B 200 -15.94 -3.82 -4.11
C THR B 200 -16.81 -4.60 -5.13
N VAL B 201 -17.47 -5.66 -4.69
CA VAL B 201 -18.29 -6.41 -5.65
C VAL B 201 -19.40 -5.56 -6.22
N GLN B 202 -19.85 -4.58 -5.46
CA GLN B 202 -20.94 -3.75 -5.90
C GLN B 202 -20.48 -2.81 -6.93
N VAL B 203 -19.30 -2.23 -6.71
CA VAL B 203 -18.66 -1.41 -7.74
C VAL B 203 -18.37 -2.24 -9.00
N MET B 204 -17.97 -3.49 -8.81
CA MET B 204 -17.79 -4.37 -9.95
C MET B 204 -19.06 -4.45 -10.84
N ARG B 205 -20.19 -4.68 -10.21
CA ARG B 205 -21.42 -4.92 -10.93
C ARG B 205 -21.87 -3.77 -11.82
N THR B 206 -21.37 -2.56 -11.55
CA THR B 206 -21.65 -1.40 -12.39
C THR B 206 -20.91 -1.42 -13.72
N LEU B 207 -19.91 -2.30 -13.78
CA LEU B 207 -19.00 -2.40 -14.91
C LEU B 207 -18.23 -1.15 -15.19
N THR B 208 -18.06 -0.28 -14.19
CA THR B 208 -17.38 1.01 -14.37
C THR B 208 -16.16 1.16 -13.43
N PRO B 209 -14.92 1.01 -13.97
CA PRO B 209 -13.74 1.06 -13.08
C PRO B 209 -13.51 2.43 -12.52
N SER B 210 -13.08 2.48 -11.25
CA SER B 210 -12.60 3.71 -10.62
C SER B 210 -11.28 4.12 -11.23
N HIS B 211 -10.42 3.15 -11.51
CA HIS B 211 -9.13 3.42 -12.14
C HIS B 211 -8.84 2.34 -13.18
N ILE B 212 -7.97 2.65 -14.12
CA ILE B 212 -7.42 1.62 -15.00
C ILE B 212 -5.93 1.94 -15.16
N VAL B 213 -5.06 1.00 -14.79
CA VAL B 213 -3.67 1.29 -14.55
C VAL B 213 -2.75 0.26 -15.16
N PHE B 214 -1.60 0.72 -15.67
CA PHE B 214 -0.54 -0.18 -16.06
C PHE B 214 0.28 -0.48 -14.82
N ASN B 215 0.59 -1.76 -14.64
CA ASN B 215 1.47 -2.24 -13.58
C ASN B 215 1.25 -1.60 -12.24
N GLY B 216 0.00 -1.53 -11.79
CA GLY B 216 -0.26 -1.25 -10.38
C GLY B 216 -0.67 0.16 -10.00
N LYS B 217 -0.10 1.16 -10.64
CA LYS B 217 -0.42 2.52 -10.24
C LYS B 217 -0.46 3.50 -11.39
N VAL B 218 -1.25 4.53 -11.19
CA VAL B 218 -1.18 5.63 -12.09
C VAL B 218 0.29 6.04 -12.04
N GLY B 219 0.89 6.23 -13.20
CA GLY B 219 2.29 6.61 -13.31
C GLY B 219 3.27 5.50 -13.01
N ALA B 220 2.81 4.26 -12.97
CA ALA B 220 3.73 3.15 -12.77
C ALA B 220 4.91 3.20 -13.73
N LEU B 221 4.64 3.51 -15.00
CA LEU B 221 5.62 3.44 -16.08
C LEU B 221 5.93 4.81 -16.73
N THR B 222 5.97 5.84 -15.91
CA THR B 222 6.28 7.19 -16.36
C THR B 222 7.46 7.72 -15.56
N GLY B 223 7.91 8.92 -15.95
CA GLY B 223 9.03 9.59 -15.33
C GLY B 223 10.20 8.64 -15.21
N ALA B 224 10.80 8.60 -14.01
CA ALA B 224 11.95 7.78 -13.78
C ALA B 224 11.70 6.28 -13.87
N ASN B 225 10.44 5.88 -14.05
CA ASN B 225 10.11 4.48 -14.33
C ASN B 225 9.62 4.25 -15.75
N ALA B 226 9.74 5.28 -16.59
CA ALA B 226 9.55 5.11 -18.03
C ALA B 226 10.35 3.96 -18.57
N LEU B 227 9.80 3.35 -19.60
CA LEU B 227 10.54 2.38 -20.38
C LEU B 227 11.59 3.10 -21.22
N THR B 228 12.62 2.39 -21.64
CA THR B 228 13.70 2.99 -22.41
C THR B 228 14.01 2.17 -23.64
N ALA B 229 14.45 2.85 -24.69
CA ALA B 229 15.02 2.19 -25.86
C ALA B 229 15.82 3.21 -26.69
N LYS B 230 16.35 2.75 -27.81
CA LYS B 230 17.23 3.56 -28.63
C LYS B 230 16.81 3.43 -30.07
N VAL B 231 17.03 4.48 -30.85
CA VAL B 231 16.81 4.37 -32.29
C VAL B 231 17.57 3.16 -32.85
N GLY B 232 16.86 2.34 -33.62
CA GLY B 232 17.42 1.16 -34.28
C GLY B 232 17.13 -0.11 -33.52
N GLU B 233 16.78 0.05 -32.25
CA GLU B 233 16.47 -1.07 -31.34
C GLU B 233 15.04 -1.60 -31.57
N THR B 234 14.83 -2.90 -31.42
CA THR B 234 13.48 -3.46 -31.58
C THR B 234 12.94 -4.06 -30.30
N VAL B 235 11.74 -3.60 -29.92
CA VAL B 235 11.13 -4.00 -28.66
C VAL B 235 9.89 -4.84 -28.89
N LEU B 236 9.74 -5.82 -28.02
CA LEU B 236 8.51 -6.58 -27.86
C LEU B 236 7.71 -5.98 -26.69
N LEU B 237 6.50 -5.49 -27.00
CA LEU B 237 5.60 -4.96 -25.99
C LEU B 237 4.50 -5.98 -25.80
N ILE B 238 4.46 -6.54 -24.59
CA ILE B 238 3.59 -7.65 -24.23
C ILE B 238 2.51 -7.08 -23.35
N HIS B 239 1.28 -7.07 -23.85
CA HIS B 239 0.20 -6.49 -23.11
C HIS B 239 -0.71 -7.61 -22.60
N SER B 240 -1.03 -7.62 -21.32
CA SER B 240 -2.06 -8.55 -20.78
C SER B 240 -3.25 -7.79 -20.18
N GLN B 241 -4.43 -8.37 -20.32
CA GLN B 241 -5.60 -7.88 -19.58
C GLN B 241 -6.53 -9.07 -19.23
N ALA B 242 -6.55 -9.46 -17.97
CA ALA B 242 -7.25 -10.72 -17.62
C ALA B 242 -8.74 -10.58 -17.45
N ASN B 243 -9.27 -9.35 -17.46
CA ASN B 243 -10.69 -9.16 -17.21
C ASN B 243 -11.49 -8.29 -18.20
N ARG B 244 -10.82 -7.41 -18.93
CA ARG B 244 -11.51 -6.40 -19.69
C ARG B 244 -10.66 -5.97 -20.88
N ASP B 245 -11.36 -5.53 -21.93
CA ASP B 245 -10.78 -5.18 -23.21
C ASP B 245 -9.90 -3.98 -23.03
N THR B 246 -8.86 -3.89 -23.85
CA THR B 246 -8.13 -2.65 -24.02
C THR B 246 -7.61 -2.56 -25.44
N ARG B 247 -7.12 -1.38 -25.79
CA ARG B 247 -6.72 -1.08 -27.16
C ARG B 247 -5.40 -0.29 -27.15
N PRO B 248 -4.27 -1.01 -27.15
CA PRO B 248 -3.01 -0.31 -27.02
C PRO B 248 -2.62 0.46 -28.27
N HIS B 249 -1.76 1.45 -28.05
CA HIS B 249 -1.31 2.37 -29.08
C HIS B 249 -0.05 3.11 -28.65
N LEU B 250 0.92 3.18 -29.55
CA LEU B 250 2.18 3.85 -29.24
C LEU B 250 2.17 5.18 -29.97
N ILE B 251 2.19 6.30 -29.24
CA ILE B 251 1.98 7.61 -29.88
C ILE B 251 3.22 8.05 -30.62
N GLY B 252 3.08 8.28 -31.93
CA GLY B 252 4.24 8.57 -32.79
C GLY B 252 4.86 7.28 -33.28
N GLY B 253 4.10 6.19 -33.14
CA GLY B 253 4.59 4.88 -33.46
C GLY B 253 3.54 4.03 -34.11
N HIS B 254 3.86 2.73 -34.16
CA HIS B 254 3.00 1.73 -34.76
C HIS B 254 3.34 0.42 -34.12
N GLY B 255 2.61 -0.62 -34.52
CA GLY B 255 2.97 -1.99 -34.27
C GLY B 255 3.42 -2.53 -35.61
N ASP B 256 4.74 -2.68 -35.77
CA ASP B 256 5.30 -3.16 -37.04
C ASP B 256 4.70 -4.53 -37.26
N TRP B 257 4.71 -5.38 -36.24
CA TRP B 257 4.02 -6.67 -36.29
C TRP B 257 3.38 -6.98 -34.97
N VAL B 258 2.12 -7.40 -35.02
CA VAL B 258 1.28 -7.51 -33.82
C VAL B 258 0.37 -8.71 -33.87
N TRP B 259 0.42 -9.53 -32.83
CA TRP B 259 -0.50 -10.64 -32.69
C TRP B 259 -1.49 -10.25 -31.60
N GLU B 260 -2.60 -9.61 -31.96
CA GLU B 260 -3.43 -9.01 -30.90
C GLU B 260 -4.19 -10.11 -30.13
N THR B 261 -4.56 -11.18 -30.84
CA THR B 261 -5.07 -12.39 -30.17
C THR B 261 -3.97 -13.17 -29.48
N GLY B 262 -2.71 -12.76 -29.73
CA GLY B 262 -1.56 -13.15 -28.91
C GLY B 262 -1.01 -14.55 -29.13
N LYS B 263 -1.23 -15.10 -30.31
CA LYS B 263 -0.88 -16.49 -30.63
C LYS B 263 -0.01 -16.55 -31.88
N PHE B 264 1.25 -16.98 -31.69
CA PHE B 264 2.33 -16.78 -32.68
C PHE B 264 2.21 -17.67 -33.91
N ALA B 265 1.56 -18.82 -33.74
CA ALA B 265 1.20 -19.68 -34.86
C ALA B 265 0.52 -18.91 -36.02
N ASN B 266 -0.31 -17.93 -35.71
CA ASN B 266 -1.00 -17.12 -36.73
C ASN B 266 -0.13 -15.98 -37.26
N PRO B 267 -0.37 -15.55 -38.50
CA PRO B 267 0.45 -14.47 -39.07
C PRO B 267 0.16 -13.13 -38.42
N PRO B 268 1.20 -12.36 -38.12
CA PRO B 268 0.90 -11.09 -37.49
C PRO B 268 0.38 -10.10 -38.52
N GLN B 269 -0.38 -9.12 -38.06
CA GLN B 269 -0.69 -7.97 -38.86
C GLN B 269 0.43 -6.95 -38.71
N ARG B 270 0.56 -6.10 -39.73
CA ARG B 270 1.57 -5.02 -39.76
C ARG B 270 1.00 -3.60 -39.87
N ASP B 271 1.79 -2.64 -39.40
CA ASP B 271 1.51 -1.20 -39.53
C ASP B 271 0.33 -0.71 -38.70
N LEU B 272 0.07 -1.36 -37.57
CA LEU B 272 -1.10 -0.99 -36.75
C LEU B 272 -0.94 0.37 -36.02
N GLU B 273 -2.02 1.14 -35.88
CA GLU B 273 -2.00 2.39 -35.08
C GLU B 273 -2.47 2.03 -33.67
N THR B 274 -3.50 1.21 -33.61
CA THR B 274 -4.09 0.75 -32.36
C THR B 274 -4.46 -0.71 -32.58
N TRP B 275 -4.15 -1.56 -31.61
CA TRP B 275 -4.57 -2.96 -31.70
C TRP B 275 -5.46 -3.28 -30.50
N PHE B 276 -5.94 -4.52 -30.40
CA PHE B 276 -7.00 -4.83 -29.44
C PHE B 276 -6.75 -6.10 -28.66
N ILE B 277 -6.57 -5.94 -27.34
CA ILE B 277 -6.45 -7.05 -26.39
C ILE B 277 -7.82 -7.37 -25.76
N ARG B 278 -8.32 -8.55 -26.11
CA ARG B 278 -9.54 -9.10 -25.52
C ARG B 278 -9.31 -9.41 -24.05
N GLY B 279 -10.24 -8.96 -23.19
CA GLY B 279 -10.20 -9.29 -21.77
C GLY B 279 -10.10 -10.79 -21.59
N GLY B 280 -9.25 -11.19 -20.64
CA GLY B 280 -8.82 -12.57 -20.58
C GLY B 280 -7.90 -13.02 -21.71
N SER B 281 -7.23 -12.11 -22.40
CA SER B 281 -6.20 -12.50 -23.36
C SER B 281 -4.90 -11.75 -23.04
N ALA B 282 -3.81 -12.13 -23.72
CA ALA B 282 -2.58 -11.34 -23.76
C ALA B 282 -2.06 -11.30 -25.17
N GLY B 283 -1.39 -10.21 -25.53
CA GLY B 283 -0.96 -10.02 -26.88
C GLY B 283 0.37 -9.34 -26.88
N ALA B 284 0.93 -9.21 -28.08
CA ALA B 284 2.27 -8.73 -28.22
C ALA B 284 2.44 -8.05 -29.53
N ALA B 285 3.45 -7.17 -29.56
CA ALA B 285 3.68 -6.32 -30.68
C ALA B 285 5.14 -5.93 -30.75
N LEU B 286 5.63 -5.81 -31.99
CA LEU B 286 6.99 -5.40 -32.26
C LEU B 286 7.01 -4.00 -32.85
N TYR B 287 7.93 -3.19 -32.36
CA TYR B 287 8.25 -1.90 -32.98
C TYR B 287 9.76 -1.70 -32.96
N THR B 288 10.33 -1.40 -34.12
CA THR B 288 11.71 -0.96 -34.26
C THR B 288 11.69 0.56 -34.27
N PHE B 289 12.24 1.19 -33.25
CA PHE B 289 12.22 2.66 -33.16
C PHE B 289 13.05 3.38 -34.24
N LYS B 290 12.48 4.42 -34.84
CA LYS B 290 13.17 5.18 -35.89
C LYS B 290 13.48 6.61 -35.50
N GLN B 291 12.84 7.12 -34.45
CA GLN B 291 13.05 8.51 -34.00
C GLN B 291 13.28 8.54 -32.49
N PRO B 292 14.12 9.46 -32.00
CA PRO B 292 14.26 9.63 -30.56
C PRO B 292 13.01 10.28 -29.99
N GLY B 293 13.05 10.59 -28.69
CA GLY B 293 12.02 11.36 -28.00
C GLY B 293 11.22 10.47 -27.07
N VAL B 294 10.28 11.11 -26.36
CA VAL B 294 9.34 10.43 -25.46
C VAL B 294 8.15 9.90 -26.25
N TYR B 295 7.83 8.63 -26.09
CA TYR B 295 6.62 8.09 -26.64
C TYR B 295 5.66 7.74 -25.51
N ALA B 296 4.35 7.78 -25.81
CA ALA B 296 3.32 7.38 -24.86
C ALA B 296 2.70 6.07 -25.33
N TYR B 297 2.69 5.08 -24.46
CA TYR B 297 2.15 3.80 -24.78
C TYR B 297 0.85 3.72 -24.01
N LEU B 298 -0.27 3.65 -24.69
CA LEU B 298 -1.50 3.72 -23.96
C LEU B 298 -2.69 2.93 -24.53
N ASN B 299 -3.69 2.75 -23.67
CA ASN B 299 -5.03 2.36 -24.04
C ASN B 299 -5.68 3.53 -24.77
N HIS B 300 -6.00 3.35 -26.05
CA HIS B 300 -6.53 4.46 -26.80
C HIS B 300 -8.01 4.72 -26.63
N ASN B 301 -8.60 4.32 -25.52
CA ASN B 301 -9.70 5.10 -24.99
C ASN B 301 -9.05 6.13 -24.13
N LEU B 302 -9.20 7.38 -24.52
CA LEU B 302 -8.40 8.44 -23.95
C LEU B 302 -8.94 8.84 -22.60
N ILE B 303 -10.18 8.48 -22.35
CA ILE B 303 -10.74 8.71 -21.03
C ILE B 303 -10.05 7.70 -20.09
N GLU B 304 -9.94 6.47 -20.57
CA GLU B 304 -9.40 5.42 -19.75
C GLU B 304 -7.92 5.69 -19.52
N ALA B 305 -7.30 6.25 -20.54
CA ALA B 305 -5.87 6.55 -20.55
C ALA B 305 -5.54 7.69 -19.64
N PHE B 306 -6.08 8.85 -19.92
CA PHE B 306 -5.65 10.05 -19.25
C PHE B 306 -6.44 10.35 -18.00
N GLU B 307 -7.72 10.00 -17.99
CA GLU B 307 -8.52 10.23 -16.82
C GLU B 307 -8.39 9.12 -15.81
N LEU B 308 -8.33 7.89 -16.26
CA LEU B 308 -8.42 6.77 -15.34
C LEU B 308 -7.08 6.12 -15.02
N GLY B 309 -6.09 6.31 -15.89
CA GLY B 309 -4.71 5.96 -15.53
C GLY B 309 -3.99 4.97 -16.42
N ALA B 310 -4.58 4.67 -17.58
CA ALA B 310 -4.08 3.65 -18.46
C ALA B 310 -3.13 4.20 -19.56
N ALA B 311 -2.02 4.80 -19.11
CA ALA B 311 -0.93 5.28 -19.98
C ALA B 311 0.45 5.17 -19.30
N GLY B 312 1.46 4.76 -20.07
CA GLY B 312 2.88 4.91 -19.70
C GLY B 312 3.74 5.55 -20.80
N HIS B 313 5.04 5.71 -20.49
CA HIS B 313 6.02 6.38 -21.39
C HIS B 313 7.18 5.46 -21.72
N ILE B 314 7.70 5.64 -22.93
CA ILE B 314 8.97 5.05 -23.35
C ILE B 314 9.88 6.20 -23.72
N LYS B 315 10.93 6.44 -22.90
CA LYS B 315 12.03 7.43 -23.21
C LYS B 315 12.95 6.78 -24.24
N VAL B 316 13.18 7.47 -25.37
CA VAL B 316 13.97 6.91 -26.49
C VAL B 316 15.09 7.85 -26.97
N GLU B 317 16.32 7.32 -26.99
CA GLU B 317 17.54 8.08 -27.35
C GLU B 317 17.97 7.97 -28.82
N GLY B 318 18.57 9.04 -29.35
CA GLY B 318 19.26 8.98 -30.64
C GLY B 318 19.03 10.15 -31.57
N LYS B 319 19.00 9.84 -32.88
CA LYS B 319 19.26 10.82 -33.94
C LYS B 319 17.97 11.22 -34.69
N TRP B 320 17.49 12.45 -34.44
CA TRP B 320 16.28 12.91 -35.10
C TRP B 320 16.41 12.69 -36.60
N ASN B 321 15.31 12.52 -37.32
CA ASN B 321 15.39 12.13 -38.72
C ASN B 321 14.35 12.82 -39.61
N ASP B 322 14.77 13.92 -40.24
CA ASP B 322 13.89 14.83 -40.98
C ASP B 322 13.21 14.26 -42.19
N ASP B 323 13.60 13.08 -42.64
CA ASP B 323 12.87 12.51 -43.75
C ASP B 323 11.46 12.12 -43.32
N LEU B 324 11.38 11.27 -42.27
CA LEU B 324 10.10 10.83 -41.63
C LEU B 324 9.23 12.03 -41.16
N MET B 325 9.87 13.03 -40.59
CA MET B 325 9.14 14.16 -40.04
C MET B 325 10.06 15.37 -39.80
N LYS B 326 9.65 16.53 -40.33
CA LYS B 326 10.36 17.78 -40.06
C LYS B 326 9.33 18.90 -39.90
N GLN B 327 9.64 19.85 -39.02
CA GLN B 327 8.85 21.09 -38.87
C GLN B 327 9.27 22.09 -39.98
N ILE B 328 8.35 22.46 -40.84
CA ILE B 328 8.62 23.46 -41.87
C ILE B 328 8.66 24.80 -41.16
N LYS B 329 7.50 25.38 -40.83
CA LYS B 329 7.45 26.64 -40.04
C LYS B 329 6.97 26.35 -38.62
N ALA B 330 7.74 26.75 -37.62
CA ALA B 330 7.33 26.58 -36.23
C ALA B 330 6.15 27.50 -35.84
N PRO B 331 5.45 27.17 -34.75
CA PRO B 331 4.40 28.08 -34.30
C PRO B 331 4.88 29.52 -34.36
N ALA B 332 4.34 30.27 -35.32
CA ALA B 332 4.59 31.70 -35.49
C ALA B 332 3.24 32.34 -35.71
N PRO B 333 3.12 33.66 -35.53
CA PRO B 333 1.79 34.23 -35.78
C PRO B 333 1.31 34.15 -37.22
N ILE B 334 -0.01 34.25 -37.36
CA ILE B 334 -0.67 34.21 -38.64
C ILE B 334 -0.43 35.58 -39.31
N PRO B 335 0.12 35.58 -40.55
CA PRO B 335 0.24 36.79 -41.36
C PRO B 335 -0.47 38.05 -40.83
N ALA C 1 -22.17 -27.37 30.99
CA ALA C 1 -21.83 -27.97 29.65
C ALA C 1 -20.76 -27.14 28.94
N GLU C 2 -20.12 -27.78 27.96
CA GLU C 2 -19.11 -27.14 27.13
C GLU C 2 -19.35 -27.44 25.63
N HIS C 3 -19.60 -26.37 24.85
CA HIS C 3 -20.05 -26.44 23.44
C HIS C 3 -18.93 -26.08 22.43
N ILE C 4 -18.92 -26.75 21.29
CA ILE C 4 -17.81 -26.69 20.37
C ILE C 4 -18.24 -26.08 19.07
N VAL C 5 -17.69 -24.90 18.80
CA VAL C 5 -17.81 -24.28 17.49
C VAL C 5 -16.53 -24.44 16.70
N GLU C 6 -16.67 -24.95 15.49
CA GLU C 6 -15.52 -25.14 14.62
C GLU C 6 -15.23 -23.94 13.71
N MET C 7 -13.95 -23.54 13.70
CA MET C 7 -13.41 -22.53 12.78
C MET C 7 -13.10 -23.23 11.45
N ARG C 8 -13.87 -22.92 10.41
CA ARG C 8 -13.77 -23.66 9.16
C ARG C 8 -13.84 -22.80 7.89
N ASN C 9 -13.07 -23.24 6.88
CA ASN C 9 -12.90 -22.56 5.60
C ASN C 9 -14.10 -22.61 4.63
N LYS C 10 -14.69 -23.78 4.45
CA LYS C 10 -15.87 -23.95 3.58
C LYS C 10 -16.93 -24.72 4.38
N ASP C 11 -18.17 -24.66 3.91
CA ASP C 11 -19.18 -25.55 4.42
C ASP C 11 -19.47 -26.53 3.32
N ASP C 12 -19.98 -27.69 3.71
CA ASP C 12 -20.23 -28.76 2.77
C ASP C 12 -20.99 -28.20 1.57
N ALA C 13 -21.89 -27.24 1.82
CA ALA C 13 -22.79 -26.68 0.80
C ALA C 13 -22.26 -25.42 0.07
N GLY C 14 -20.95 -25.36 -0.22
CA GLY C 14 -20.37 -24.24 -0.99
C GLY C 14 -19.73 -23.07 -0.21
N ASN C 15 -20.52 -22.05 0.11
CA ASN C 15 -20.05 -20.79 0.76
C ASN C 15 -18.99 -20.86 1.92
N THR C 16 -18.16 -19.82 2.04
CA THR C 16 -16.86 -19.91 2.69
C THR C 16 -16.72 -19.11 4.00
N MET C 17 -15.63 -19.41 4.72
CA MET C 17 -15.24 -18.78 5.99
C MET C 17 -16.35 -18.78 7.02
N VAL C 18 -16.56 -19.93 7.67
CA VAL C 18 -17.75 -20.10 8.53
C VAL C 18 -17.45 -20.68 9.90
N PHE C 19 -18.11 -20.16 10.92
CA PHE C 19 -18.20 -20.90 12.16
C PHE C 19 -19.33 -21.94 12.10
N GLN C 20 -19.07 -23.15 12.59
CA GLN C 20 -20.01 -24.28 12.46
C GLN C 20 -20.16 -24.98 13.81
N PRO C 21 -21.28 -24.77 14.52
CA PRO C 21 -22.42 -23.96 14.06
C PRO C 21 -22.21 -22.45 14.14
N GLY C 22 -23.13 -21.71 13.52
CA GLY C 22 -23.09 -20.26 13.55
C GLY C 22 -23.87 -19.68 14.70
N PHE C 23 -24.73 -20.50 15.30
CA PHE C 23 -25.52 -20.11 16.45
C PHE C 23 -25.49 -21.20 17.52
N VAL C 24 -25.55 -20.75 18.76
CA VAL C 24 -25.40 -21.65 19.89
C VAL C 24 -26.09 -21.07 21.13
N LYS C 25 -27.10 -21.82 21.61
CA LYS C 25 -27.88 -21.50 22.80
C LYS C 25 -27.26 -22.25 23.96
N VAL C 26 -26.78 -21.52 24.97
CA VAL C 26 -26.13 -22.12 26.16
C VAL C 26 -26.63 -21.49 27.45
N GLU C 27 -26.09 -21.99 28.56
CA GLU C 27 -26.55 -21.62 29.90
C GLU C 27 -25.51 -20.77 30.61
N ALA C 28 -25.96 -20.03 31.63
CA ALA C 28 -25.06 -19.36 32.56
C ALA C 28 -24.03 -20.39 33.10
N GLY C 29 -22.76 -20.00 33.08
CA GLY C 29 -21.65 -20.82 33.56
C GLY C 29 -21.03 -21.79 32.56
N ASP C 30 -21.62 -21.91 31.37
CA ASP C 30 -21.08 -22.81 30.35
C ASP C 30 -19.91 -22.11 29.64
N THR C 31 -19.16 -22.90 28.88
CA THR C 31 -18.06 -22.39 28.11
C THR C 31 -18.17 -22.85 26.66
N VAL C 32 -18.13 -21.91 25.75
CA VAL C 32 -18.01 -22.22 24.32
C VAL C 32 -16.54 -22.27 23.94
N LYS C 33 -16.19 -23.25 23.13
CA LYS C 33 -14.82 -23.44 22.75
C LYS C 33 -14.74 -23.49 21.24
N PHE C 34 -14.11 -22.46 20.70
CA PHE C 34 -13.87 -22.32 19.26
C PHE C 34 -12.54 -22.94 18.97
N VAL C 35 -12.41 -23.60 17.82
CA VAL C 35 -11.31 -24.55 17.63
C VAL C 35 -10.69 -24.54 16.22
N PRO C 36 -9.34 -24.47 16.12
CA PRO C 36 -8.67 -24.40 14.81
C PRO C 36 -8.83 -25.62 13.91
N THR C 37 -10.05 -26.11 13.68
CA THR C 37 -10.23 -27.26 12.78
C THR C 37 -9.56 -27.05 11.41
N ASP C 38 -9.48 -25.80 10.97
CA ASP C 38 -8.60 -25.37 9.89
C ASP C 38 -7.84 -24.14 10.38
N LYS C 39 -6.57 -24.05 9.96
CA LYS C 39 -5.74 -22.89 10.29
C LYS C 39 -6.28 -21.74 9.44
N SER C 40 -6.03 -20.51 9.89
CA SER C 40 -6.42 -19.28 9.15
C SER C 40 -7.38 -18.36 9.95
N HIS C 41 -8.10 -18.92 10.92
CA HIS C 41 -9.20 -18.21 11.57
C HIS C 41 -8.99 -18.04 13.06
N ASN C 42 -9.69 -17.07 13.62
CA ASN C 42 -9.63 -16.75 15.03
C ASN C 42 -11.03 -16.39 15.51
N ALA C 43 -11.21 -16.25 16.83
CA ALA C 43 -12.50 -15.83 17.35
C ALA C 43 -12.33 -14.66 18.33
N GLU C 44 -13.24 -13.68 18.31
CA GLU C 44 -13.05 -12.45 19.10
C GLU C 44 -14.31 -11.60 19.13
N SER C 45 -14.49 -10.83 20.20
CA SER C 45 -15.74 -10.13 20.41
C SER C 45 -16.05 -9.21 19.24
N VAL C 46 -17.29 -8.76 19.18
CA VAL C 46 -17.65 -7.70 18.27
C VAL C 46 -18.04 -6.52 19.14
N ARG C 47 -17.01 -5.71 19.35
CA ARG C 47 -17.02 -4.62 20.31
C ARG C 47 -18.19 -3.65 20.11
N GLU C 48 -18.56 -3.36 18.87
CA GLU C 48 -19.58 -2.34 18.57
C GLU C 48 -20.93 -2.65 19.21
N VAL C 49 -21.15 -3.92 19.56
CA VAL C 49 -22.42 -4.34 20.16
C VAL C 49 -22.29 -5.29 21.35
N TRP C 50 -21.08 -5.79 21.62
CA TRP C 50 -20.78 -6.56 22.84
C TRP C 50 -21.24 -5.85 24.15
N PRO C 51 -21.83 -6.61 25.10
CA PRO C 51 -22.58 -5.92 26.17
C PRO C 51 -21.74 -5.28 27.29
N GLU C 52 -22.33 -4.27 27.95
CA GLU C 52 -21.73 -3.54 29.08
C GLU C 52 -21.11 -4.43 30.20
N GLY C 53 -19.91 -4.05 30.61
CA GLY C 53 -19.20 -4.66 31.73
C GLY C 53 -18.93 -6.14 31.60
N VAL C 54 -18.38 -6.57 30.47
CA VAL C 54 -18.09 -8.01 30.28
C VAL C 54 -16.72 -8.28 29.62
N ALA C 55 -15.92 -9.07 30.30
CA ALA C 55 -14.67 -9.60 29.77
C ALA C 55 -14.72 -9.77 28.24
N PRO C 56 -14.16 -8.80 27.48
CA PRO C 56 -14.03 -9.03 26.03
C PRO C 56 -13.16 -10.24 25.70
N VAL C 57 -13.43 -10.88 24.57
CA VAL C 57 -12.65 -12.01 24.11
C VAL C 57 -11.93 -11.58 22.85
N LYS C 58 -10.61 -11.81 22.83
CA LYS C 58 -9.76 -11.56 21.67
C LYS C 58 -8.82 -12.74 21.65
N GLY C 59 -9.40 -13.92 21.56
CA GLY C 59 -8.61 -15.11 21.43
C GLY C 59 -7.61 -15.02 20.31
N GLY C 60 -6.56 -15.81 20.41
CA GLY C 60 -5.45 -15.72 19.48
C GLY C 60 -5.79 -16.25 18.12
N PHE C 61 -4.81 -16.07 17.24
CA PHE C 61 -4.89 -16.38 15.83
C PHE C 61 -4.47 -17.81 15.56
N SER C 62 -5.22 -18.53 14.71
CA SER C 62 -5.03 -19.97 14.45
C SER C 62 -5.14 -20.84 15.73
N LYS C 63 -5.53 -20.20 16.84
CA LYS C 63 -5.44 -20.81 18.16
C LYS C 63 -6.85 -20.97 18.72
N GLU C 64 -7.05 -22.07 19.44
CA GLU C 64 -8.24 -22.29 20.26
C GLU C 64 -8.50 -21.09 21.21
N VAL C 65 -9.71 -21.01 21.77
CA VAL C 65 -10.05 -19.96 22.75
C VAL C 65 -11.46 -20.19 23.32
N VAL C 66 -11.66 -19.78 24.57
CA VAL C 66 -12.85 -20.10 25.35
C VAL C 66 -13.64 -18.85 25.81
N PHE C 67 -14.96 -18.99 25.87
CA PHE C 67 -15.85 -17.93 26.32
C PHE C 67 -16.52 -18.37 27.62
N ASN C 68 -16.69 -17.46 28.56
CA ASN C 68 -17.27 -17.80 29.86
C ASN C 68 -18.66 -17.21 29.98
N ALA C 69 -19.66 -18.08 29.85
CA ALA C 69 -21.04 -17.65 29.88
C ALA C 69 -21.40 -17.11 31.27
N GLU C 70 -20.93 -15.90 31.59
CA GLU C 70 -21.25 -15.29 32.87
C GLU C 70 -22.61 -14.57 32.76
N LYS C 71 -22.61 -13.29 32.36
CA LYS C 71 -23.86 -12.51 32.31
C LYS C 71 -24.74 -13.01 31.11
N GLU C 72 -26.05 -12.90 31.24
CA GLU C 72 -26.93 -13.53 30.26
C GLU C 72 -27.55 -12.54 29.30
N GLY C 73 -27.35 -12.83 28.01
CA GLY C 73 -27.65 -11.93 26.90
C GLY C 73 -26.98 -12.54 25.68
N LEU C 74 -26.96 -11.83 24.56
CA LEU C 74 -26.40 -12.35 23.30
C LEU C 74 -24.98 -11.86 22.99
N TYR C 75 -24.17 -12.74 22.43
CA TYR C 75 -22.76 -12.46 22.28
C TYR C 75 -22.19 -12.72 20.87
N VAL C 76 -22.14 -11.67 20.06
CA VAL C 76 -21.64 -11.72 18.67
C VAL C 76 -20.10 -11.89 18.65
N LEU C 77 -19.56 -12.77 17.79
CA LEU C 77 -18.09 -13.00 17.73
C LEU C 77 -17.49 -13.25 16.34
N LYS C 78 -16.79 -12.28 15.81
CA LYS C 78 -16.19 -12.42 14.51
C LYS C 78 -14.92 -13.23 14.49
N CYS C 79 -14.47 -13.50 13.29
CA CYS C 79 -13.11 -13.88 12.99
C CYS C 79 -12.57 -12.70 12.22
N ALA C 80 -11.64 -11.95 12.81
CA ALA C 80 -11.22 -10.63 12.25
C ALA C 80 -10.72 -10.62 10.78
N PRO C 81 -9.84 -11.58 10.40
CA PRO C 81 -9.43 -11.65 8.98
C PRO C 81 -10.57 -11.91 7.97
N HIS C 82 -11.68 -12.49 8.42
CA HIS C 82 -12.75 -12.88 7.52
C HIS C 82 -14.14 -12.35 7.88
N TYR C 83 -14.24 -11.38 8.78
CA TYR C 83 -15.54 -10.83 9.15
C TYR C 83 -16.22 -10.15 7.94
N GLY C 84 -15.44 -9.67 6.97
CA GLY C 84 -16.02 -9.07 5.77
C GLY C 84 -16.56 -10.11 4.79
N MET C 85 -16.24 -11.37 5.05
CA MET C 85 -16.72 -12.49 4.27
C MET C 85 -17.83 -13.23 5.04
N GLY C 86 -18.30 -12.60 6.13
CA GLY C 86 -19.37 -13.16 6.93
C GLY C 86 -19.01 -14.28 7.92
N MET C 87 -17.75 -14.49 8.23
CA MET C 87 -17.40 -15.47 9.26
C MET C 87 -17.74 -14.85 10.60
N VAL C 88 -18.81 -15.34 11.20
CA VAL C 88 -19.39 -14.75 12.40
C VAL C 88 -20.31 -15.78 13.09
N VAL C 89 -20.44 -15.64 14.41
CA VAL C 89 -21.19 -16.58 15.21
C VAL C 89 -21.95 -15.84 16.30
N LEU C 90 -23.08 -16.39 16.72
CA LEU C 90 -23.88 -15.78 17.75
C LEU C 90 -24.11 -16.77 18.88
N VAL C 91 -23.91 -16.29 20.11
CA VAL C 91 -24.04 -17.13 21.31
C VAL C 91 -25.09 -16.57 22.26
N GLN C 92 -26.09 -17.40 22.55
CA GLN C 92 -27.15 -17.01 23.47
C GLN C 92 -26.90 -17.62 24.83
N VAL C 93 -26.81 -16.75 25.82
CA VAL C 93 -26.74 -17.14 27.24
C VAL C 93 -28.10 -16.82 27.88
N GLY C 94 -28.87 -17.87 28.19
CA GLY C 94 -30.23 -17.72 28.68
C GLY C 94 -31.00 -16.58 28.00
N LYS C 95 -31.62 -15.74 28.82
CA LYS C 95 -32.44 -14.65 28.29
C LYS C 95 -31.67 -13.83 27.26
N PRO C 96 -32.35 -13.40 26.18
CA PRO C 96 -31.76 -12.54 25.18
C PRO C 96 -31.83 -11.04 25.52
N VAL C 97 -31.64 -10.69 26.79
CA VAL C 97 -31.93 -9.33 27.33
C VAL C 97 -31.69 -8.17 26.36
N ASN C 98 -30.55 -8.26 25.66
CA ASN C 98 -29.99 -7.20 24.83
C ASN C 98 -30.24 -7.40 23.34
N LEU C 99 -31.34 -8.05 22.98
CA LEU C 99 -31.67 -8.29 21.57
C LEU C 99 -31.77 -6.98 20.82
N ASP C 100 -32.36 -5.97 21.45
CA ASP C 100 -32.67 -4.72 20.73
C ASP C 100 -31.40 -4.00 20.23
N GLN C 101 -30.32 -4.09 20.99
CA GLN C 101 -29.04 -3.51 20.59
C GLN C 101 -28.61 -4.24 19.33
N ILE C 102 -28.61 -5.57 19.45
CA ILE C 102 -28.13 -6.48 18.41
C ILE C 102 -28.87 -6.28 17.09
N LYS C 103 -30.19 -6.19 17.14
CA LYS C 103 -31.01 -5.94 15.94
C LYS C 103 -30.64 -4.59 15.24
N GLU C 104 -30.43 -3.55 16.04
CA GLU C 104 -30.09 -2.22 15.52
C GLU C 104 -28.71 -2.20 14.93
N TYR C 105 -27.77 -2.79 15.67
CA TYR C 105 -26.40 -2.92 15.20
C TYR C 105 -26.35 -3.07 13.68
N LYS C 106 -25.67 -2.13 13.05
CA LYS C 106 -25.63 -1.99 11.59
C LYS C 106 -24.53 -2.83 10.95
N ALA C 107 -24.73 -4.16 10.89
CA ALA C 107 -23.81 -5.03 10.15
C ALA C 107 -24.10 -4.85 8.67
N THR C 108 -23.11 -5.15 7.82
CA THR C 108 -23.27 -5.00 6.36
C THR C 108 -22.71 -6.17 5.55
N GLY C 109 -23.36 -6.44 4.42
CA GLY C 109 -22.89 -7.44 3.47
C GLY C 109 -22.97 -8.81 4.11
N LEU C 110 -22.05 -9.69 3.72
CA LEU C 110 -22.11 -11.09 4.16
C LEU C 110 -22.20 -11.25 5.70
N ALA C 111 -21.57 -10.34 6.43
CA ALA C 111 -21.73 -10.28 7.88
C ALA C 111 -23.22 -10.13 8.24
N LYS C 112 -23.85 -9.10 7.69
CA LYS C 112 -25.30 -8.87 7.91
C LYS C 112 -26.11 -10.06 7.47
N LYS C 113 -25.93 -10.52 6.23
CA LYS C 113 -26.76 -11.60 5.70
C LYS C 113 -26.69 -12.81 6.65
N ARG C 114 -25.49 -13.20 7.09
CA ARG C 114 -25.37 -14.40 7.93
C ARG C 114 -25.84 -14.15 9.34
N LEU C 115 -25.46 -13.02 9.92
CA LEU C 115 -25.81 -12.72 11.29
C LEU C 115 -27.29 -12.60 11.49
N ASP C 116 -27.97 -11.97 10.55
CA ASP C 116 -29.42 -11.83 10.65
C ASP C 116 -30.06 -13.22 10.71
N GLY C 117 -29.49 -14.17 9.96
CA GLY C 117 -29.94 -15.56 9.97
C GLY C 117 -29.82 -16.19 11.36
N GLU C 118 -28.70 -15.93 12.00
CA GLU C 118 -28.47 -16.36 13.39
C GLU C 118 -29.43 -15.67 14.33
N ILE C 119 -29.72 -14.41 14.07
CA ILE C 119 -30.64 -13.64 14.90
C ILE C 119 -32.04 -14.28 14.99
N ALA C 120 -32.53 -14.80 13.89
CA ALA C 120 -33.83 -15.44 13.88
C ALA C 120 -33.80 -16.66 14.79
N LYS C 121 -32.61 -17.24 14.99
CA LYS C 121 -32.50 -18.48 15.77
C LYS C 121 -32.64 -18.22 17.30
N VAL C 122 -32.85 -16.96 17.66
CA VAL C 122 -32.89 -16.55 19.07
C VAL C 122 -34.16 -17.06 19.77
N VAL C 123 -33.95 -17.74 20.89
CA VAL C 123 -35.04 -18.29 21.67
C VAL C 123 -35.61 -17.28 22.64
N GLN C 124 -36.89 -16.97 22.48
CA GLN C 124 -37.57 -15.98 23.33
C GLN C 124 -38.78 -16.64 24.02
CU CU D . 17.57 21.97 2.39
CU CU E . 20.18 16.08 12.99
CU CU F . -6.47 -15.69 -5.40
CU CU G . -9.25 -17.36 -17.42
CU CU H . -11.66 -16.74 9.51
#